data_8GQE
#
_entry.id   8GQE
#
_cell.length_a   173.393
_cell.length_b   173.393
_cell.length_c   76.737
_cell.angle_alpha   90.000
_cell.angle_beta   90.000
_cell.angle_gamma   90.000
#
_symmetry.space_group_name_H-M   'I 4'
#
loop_
_entity.id
_entity.type
_entity.pdbx_description
1 polymer 'WD repeat-containing protein RUP2'
2 polymer 'Ultraviolet-B receptor UVR8'
3 non-polymer '2-(N-MORPHOLINO)-ETHANESULFONIC ACID'
4 water water
#
loop_
_entity_poly.entity_id
_entity_poly.type
_entity_poly.pdbx_seq_one_letter_code
_entity_poly.pdbx_strand_id
1 'polypeptide(L)'
;MARYEWDLSLSTVVSSSSSSASDVIGAIEFDPTDNIVATAGISRKIRFYGLPSLLRNNAVSGTGVSFVDQATACEYYICT
PAKLSSLRWRPGSGGRVIGSGDYDGVVMEYDLEKRTPVFERDEHGGRRVWSVDYTRHGGASTVGASGSDDGTMQVWDPRC
PPEESVGVVRPAGICRSAVCCVEFDPSGGPAVAVGCADRKGYVYDIRKLVDPALTLQGHTKTVSYVRFLDGGTVVTAGTD
GCLKLWSVEDGRVIRTYEGHVNNRNFVGLSVWRNGALFGCGSENNRVFVYDRRWGKPVWVDGFEPVGMNSGSDKRFVSSV
CWRQSGVDQCTLVAGGSDGVLQVYVGKRLEDYKDHDGDYKDHDIDYKDD
;
A
2 'polypeptide(L)'
;MAPPRKVLIISAGASHSVALLSGDIVCSWGRGEDGQLGHGDAEDRPSPTQLSALDGHQIVSVTCGADHTVAYSQSGMEVY
SWGWGDFGRLGHGNSSDLFTPLPIKALHGIRIKQIACGDSHCLAVTMEGEVQSWGRNQNGQLGLGDTEDSLVPQKIQAFE
GIRIKMVAAGAEHTAAVTEDGDLYGWGWGRYGNLGLGDRTDRLVPERVTSTGGEKMSMVACGWRHTISVSYSGALYTYGW
SKYGQLGHGDLEDHLIPHKLEALSNSFISQISGGARHTMALTSDGKLYGWGWNKFGQVGVGNNLDQCSPVQVRFPDDQKV
VQVSCGWRHTLAVTERNNVFAWGRGTNGQLGIGESVDRNFPKIIEALSVDGASGQHIESSNIDPSSGKSWVSPAERYAVV
PDETGLTDGSSLESAWSHPQFEKGGGSGGGSGGSAWSHPQFEK
;
B
#
loop_
_chem_comp.id
_chem_comp.type
_chem_comp.name
_chem_comp.formula
MES non-polymer '2-(N-MORPHOLINO)-ETHANESULFONIC ACID' 'C6 H13 N O4 S'
#
# COMPACT_ATOMS: atom_id res chain seq x y z
N ALA A 2 31.42 16.08 -29.04
CA ALA A 2 30.91 15.83 -27.67
C ALA A 2 31.62 16.76 -26.70
N ARG A 3 30.86 17.63 -26.05
CA ARG A 3 31.44 18.62 -25.12
C ARG A 3 31.09 18.23 -23.69
N TYR A 4 32.03 18.39 -22.79
CA TYR A 4 31.80 18.11 -21.35
C TYR A 4 31.75 19.47 -20.70
N GLU A 5 30.55 19.98 -20.46
CA GLU A 5 30.40 21.36 -20.03
C GLU A 5 30.10 21.52 -18.54
N TRP A 6 29.79 20.45 -17.82
CA TRP A 6 29.28 20.54 -16.46
C TRP A 6 30.24 19.86 -15.49
N ASP A 7 30.53 20.56 -14.39
CA ASP A 7 31.10 19.99 -13.17
C ASP A 7 29.94 19.55 -12.29
N LEU A 8 29.59 18.28 -12.38
CA LEU A 8 28.47 17.69 -11.65
C LEU A 8 29.05 16.68 -10.68
N SER A 9 28.85 16.92 -9.38
CA SER A 9 29.54 16.17 -8.34
C SER A 9 28.57 15.76 -7.25
N LEU A 10 28.88 14.61 -6.63
CA LEU A 10 28.08 14.12 -5.52
C LEU A 10 28.27 15.03 -4.32
N SER A 11 27.18 15.63 -3.83
CA SER A 11 27.22 16.51 -2.67
C SER A 11 26.79 15.79 -1.40
N THR A 12 25.69 15.06 -1.43
CA THR A 12 25.06 14.55 -0.23
C THR A 12 24.50 13.16 -0.46
N VAL A 13 24.61 12.31 0.55
CA VAL A 13 24.04 10.96 0.53
C VAL A 13 23.18 10.80 1.78
N VAL A 14 21.92 10.44 1.59
CA VAL A 14 21.00 10.19 2.69
C VAL A 14 20.83 8.70 2.84
N SER A 15 21.11 8.15 4.02
CA SER A 15 20.92 6.72 4.20
C SER A 15 20.43 6.41 5.61
N SER A 16 19.92 5.20 5.77
CA SER A 16 19.40 4.72 7.04
C SER A 16 20.37 3.73 7.66
N SER A 17 20.84 4.04 8.87
CA SER A 17 21.45 3.05 9.74
C SER A 17 20.44 2.02 10.23
N SER A 18 19.17 2.40 10.30
CA SER A 18 18.23 1.84 11.26
C SER A 18 17.46 0.64 10.72
N SER A 19 16.89 0.75 9.53
CA SER A 19 15.81 -0.15 9.09
C SER A 19 16.30 -1.06 7.97
N SER A 20 16.00 -2.35 8.13
CA SER A 20 16.31 -3.37 7.13
C SER A 20 15.17 -3.60 6.15
N ALA A 21 14.09 -2.83 6.26
CA ALA A 21 12.99 -3.03 5.33
C ALA A 21 13.43 -2.64 3.92
N SER A 22 12.84 -3.32 2.94
CA SER A 22 13.07 -2.92 1.55
C SER A 22 12.64 -1.47 1.38
N ASP A 23 13.34 -0.75 0.50
CA ASP A 23 13.09 0.69 0.40
C ASP A 23 13.43 1.20 -1.00
N VAL A 24 13.17 0.41 -2.04
CA VAL A 24 13.35 0.87 -3.42
C VAL A 24 12.61 2.18 -3.62
N ILE A 25 13.29 3.18 -4.16
CA ILE A 25 12.66 4.47 -4.42
C ILE A 25 12.15 4.46 -5.86
N GLY A 26 10.83 4.50 -6.02
CA GLY A 26 10.24 4.48 -7.34
C GLY A 26 9.87 5.85 -7.86
N ALA A 27 9.81 6.87 -7.00
CA ALA A 27 9.42 8.20 -7.47
C ALA A 27 10.13 9.27 -6.65
N ILE A 28 10.57 10.32 -7.34
CA ILE A 28 11.23 11.48 -6.74
C ILE A 28 10.68 12.71 -7.45
N GLU A 29 10.14 13.67 -6.71
CA GLU A 29 9.56 14.86 -7.33
C GLU A 29 9.83 16.10 -6.49
N PHE A 30 10.09 17.20 -7.17
CA PHE A 30 10.21 18.51 -6.55
C PHE A 30 8.83 19.17 -6.49
N ASP A 31 8.58 19.92 -5.41
CA ASP A 31 7.42 20.78 -5.29
C ASP A 31 7.56 21.97 -6.25
N PRO A 32 6.49 22.76 -6.42
CA PRO A 32 6.56 23.87 -7.40
C PRO A 32 7.61 24.92 -7.09
N THR A 33 7.99 25.13 -5.84
CA THR A 33 9.07 26.07 -5.50
C THR A 33 10.46 25.46 -5.66
N ASP A 34 10.57 24.15 -5.88
CA ASP A 34 11.83 23.42 -5.92
C ASP A 34 12.57 23.44 -4.57
N ASN A 35 11.87 23.81 -3.50
CA ASN A 35 12.44 23.77 -2.16
C ASN A 35 12.30 22.41 -1.49
N ILE A 36 11.34 21.60 -1.92
CA ILE A 36 11.00 20.34 -1.26
C ILE A 36 11.13 19.21 -2.26
N VAL A 37 11.74 18.11 -1.82
CA VAL A 37 11.79 16.86 -2.58
C VAL A 37 10.94 15.82 -1.85
N ALA A 38 10.02 15.18 -2.56
CA ALA A 38 9.26 14.05 -2.04
C ALA A 38 9.73 12.78 -2.73
N THR A 39 9.86 11.70 -1.96
CA THR A 39 10.21 10.40 -2.51
C THR A 39 9.19 9.36 -2.08
N ALA A 40 9.08 8.31 -2.86
CA ALA A 40 8.17 7.22 -2.48
C ALA A 40 8.55 5.95 -3.22
N GLY A 41 8.14 4.82 -2.65
CA GLY A 41 8.35 3.55 -3.32
C GLY A 41 7.72 2.37 -2.62
N ILE A 42 8.48 1.27 -2.54
CA ILE A 42 7.95 0.02 -2.04
C ILE A 42 7.58 0.09 -0.56
N SER A 43 8.14 1.02 0.18
CA SER A 43 7.99 1.00 1.63
C SER A 43 6.75 1.74 2.12
N ARG A 44 5.86 2.18 1.22
CA ARG A 44 4.56 2.75 1.61
C ARG A 44 4.73 4.02 2.46
N LYS A 45 5.76 4.80 2.16
CA LYS A 45 6.02 6.04 2.89
C LYS A 45 6.36 7.12 1.88
N ILE A 46 5.60 8.22 1.89
CA ILE A 46 6.00 9.40 1.12
C ILE A 46 6.83 10.28 2.05
N ARG A 47 8.12 10.40 1.74
CA ARG A 47 9.05 11.16 2.57
C ARG A 47 9.33 12.53 1.95
N PHE A 48 9.49 13.55 2.80
CA PHE A 48 9.73 14.91 2.35
C PHE A 48 11.05 15.44 2.91
N TYR A 49 11.78 16.16 2.07
CA TYR A 49 13.08 16.72 2.41
C TYR A 49 13.12 18.18 1.99
N GLY A 50 13.56 19.06 2.89
CA GLY A 50 13.87 20.43 2.52
C GLY A 50 15.28 20.53 1.98
N LEU A 51 15.43 20.57 0.67
CA LEU A 51 16.74 20.27 0.08
C LEU A 51 17.77 21.35 0.37
N PRO A 52 17.51 22.67 0.15
CA PRO A 52 18.50 23.69 0.51
C PRO A 52 18.93 23.62 1.97
N SER A 53 17.98 23.46 2.88
CA SER A 53 18.35 23.36 4.29
C SER A 53 19.08 22.05 4.57
N LEU A 54 18.71 20.97 3.89
CA LEU A 54 19.43 19.72 4.07
C LEU A 54 20.91 19.89 3.74
N LEU A 55 21.20 20.55 2.64
CA LEU A 55 22.60 20.73 2.26
C LEU A 55 23.29 21.78 3.12
N ARG A 56 22.58 22.85 3.50
CA ARG A 56 23.21 23.93 4.27
C ARG A 56 23.53 23.50 5.69
N ASN A 57 22.65 22.74 6.33
CA ASN A 57 22.84 22.38 7.73
C ASN A 57 23.78 21.20 7.93
N ASN A 58 24.10 20.44 6.89
CA ASN A 58 24.94 19.27 7.04
C ASN A 58 26.21 19.34 6.19
N ALA A 59 26.63 20.55 5.81
CA ALA A 59 27.74 20.71 4.90
C ALA A 59 29.06 20.24 5.54
N VAL A 60 29.96 19.75 4.69
CA VAL A 60 31.30 19.34 5.09
C VAL A 60 32.31 20.23 4.38
N SER A 61 33.57 20.10 4.79
CA SER A 61 34.66 20.91 4.28
C SER A 61 35.11 20.45 2.89
N GLY A 62 35.62 21.40 2.12
CA GLY A 62 36.24 21.09 0.84
C GLY A 62 35.30 20.38 -0.12
N THR A 63 35.82 19.34 -0.76
CA THR A 63 35.11 18.60 -1.79
C THR A 63 34.52 17.29 -1.29
N GLY A 64 34.56 17.05 0.01
CA GLY A 64 34.02 15.81 0.55
C GLY A 64 32.52 15.68 0.31
N VAL A 65 32.06 14.46 0.49
CA VAL A 65 30.64 14.12 0.41
C VAL A 65 30.05 14.22 1.81
N SER A 66 28.83 14.74 1.91
CA SER A 66 28.14 14.86 3.19
C SER A 66 27.20 13.68 3.35
N PHE A 67 27.35 12.93 4.43
CA PHE A 67 26.51 11.76 4.72
C PHE A 67 25.55 12.11 5.83
N VAL A 68 24.26 11.96 5.58
CA VAL A 68 23.21 12.36 6.51
C VAL A 68 22.31 11.17 6.77
N ASP A 69 22.02 10.92 8.04
CA ASP A 69 21.10 9.85 8.41
C ASP A 69 19.66 10.24 8.06
N GLN A 70 18.87 9.22 7.71
CA GLN A 70 17.47 9.42 7.34
C GLN A 70 16.71 10.22 8.40
N ALA A 71 16.89 9.89 9.68
CA ALA A 71 16.17 10.58 10.74
C ALA A 71 16.54 12.05 10.80
N THR A 72 17.77 12.40 10.41
CA THR A 72 18.14 13.80 10.36
C THR A 72 17.65 14.46 9.08
N ALA A 73 17.61 13.73 7.97
CA ALA A 73 17.36 14.36 6.68
C ALA A 73 15.86 14.57 6.45
N CYS A 74 15.04 13.63 6.88
CA CYS A 74 13.63 13.59 6.52
C CYS A 74 12.84 14.50 7.46
N GLU A 75 12.22 15.54 6.90
CA GLU A 75 11.38 16.43 7.70
C GLU A 75 10.18 15.71 8.27
N TYR A 76 9.46 14.96 7.42
CA TYR A 76 8.32 14.16 7.84
C TYR A 76 7.97 13.21 6.70
N TYR A 77 7.08 12.28 7.00
CA TYR A 77 6.62 11.33 5.99
C TYR A 77 5.18 10.93 6.26
N ILE A 78 4.54 10.41 5.22
CA ILE A 78 3.14 10.02 5.24
C ILE A 78 3.08 8.52 4.99
N CYS A 79 2.47 7.78 5.90
CA CYS A 79 2.30 6.33 5.70
C CYS A 79 1.09 6.10 4.79
N THR A 80 1.25 5.24 3.80
CA THR A 80 0.21 5.00 2.81
C THR A 80 -0.23 3.54 2.85
N PRO A 81 -1.44 3.23 2.39
CA PRO A 81 -1.89 1.84 2.45
C PRO A 81 -1.23 0.94 1.43
N ALA A 82 -0.59 1.47 0.38
CA ALA A 82 -0.08 0.63 -0.68
C ALA A 82 1.28 1.11 -1.15
N LYS A 83 2.00 0.21 -1.82
CA LYS A 83 3.27 0.55 -2.46
C LYS A 83 3.04 1.62 -3.51
N LEU A 84 3.92 2.61 -3.53
CA LEU A 84 3.78 3.75 -4.41
C LEU A 84 4.54 3.51 -5.72
N SER A 85 3.91 3.87 -6.83
CA SER A 85 4.58 3.89 -8.12
C SER A 85 5.00 5.30 -8.55
N SER A 86 4.35 6.33 -8.04
CA SER A 86 4.48 7.64 -8.68
C SER A 86 3.98 8.70 -7.72
N LEU A 87 4.50 9.92 -7.93
CA LEU A 87 4.14 11.11 -7.17
C LEU A 87 4.06 12.30 -8.12
N ARG A 88 3.19 13.26 -7.80
CA ARG A 88 3.19 14.53 -8.52
C ARG A 88 2.50 15.57 -7.66
N TRP A 89 3.17 16.70 -7.46
CA TRP A 89 2.52 17.81 -6.79
C TRP A 89 1.44 18.39 -7.70
N ARG A 90 0.32 18.81 -7.11
CA ARG A 90 -0.79 19.34 -7.90
C ARG A 90 -0.59 20.83 -8.12
N PRO A 91 -0.46 21.29 -9.37
CA PRO A 91 -0.32 22.73 -9.61
C PRO A 91 -1.55 23.49 -9.15
N GLY A 92 -1.35 24.78 -8.86
CA GLY A 92 -2.45 25.65 -8.49
C GLY A 92 -2.91 25.54 -7.06
N SER A 93 -2.35 24.63 -6.27
CA SER A 93 -2.69 24.46 -4.86
C SER A 93 -1.65 25.08 -3.94
N GLY A 94 -0.72 25.85 -4.49
CA GLY A 94 0.34 26.47 -3.71
C GLY A 94 1.25 25.49 -2.99
N GLY A 95 1.60 24.37 -3.62
CA GLY A 95 2.42 23.36 -2.96
C GLY A 95 1.76 22.62 -1.83
N ARG A 96 0.46 22.81 -1.64
CA ARG A 96 -0.23 22.22 -0.51
C ARG A 96 -0.67 20.78 -0.75
N VAL A 97 -0.86 20.36 -2.01
CA VAL A 97 -1.45 19.06 -2.31
C VAL A 97 -0.47 18.23 -3.14
N ILE A 98 -0.26 16.99 -2.75
CA ILE A 98 0.55 16.07 -3.53
C ILE A 98 -0.27 14.83 -3.87
N GLY A 99 -0.15 14.37 -5.11
CA GLY A 99 -0.86 13.18 -5.58
C GLY A 99 0.08 12.01 -5.68
N SER A 100 -0.50 10.82 -5.57
CA SER A 100 0.26 9.57 -5.68
C SER A 100 -0.55 8.53 -6.43
N GLY A 101 0.16 7.63 -7.12
CA GLY A 101 -0.43 6.43 -7.68
C GLY A 101 0.20 5.22 -7.01
N ASP A 102 -0.54 4.13 -6.92
CA ASP A 102 -0.04 3.01 -6.12
C ASP A 102 -0.39 1.67 -6.75
N TYR A 103 0.17 0.61 -6.13
CA TYR A 103 0.05 -0.77 -6.58
C TYR A 103 -1.33 -1.37 -6.30
N ASP A 104 -2.22 -0.66 -5.63
CA ASP A 104 -3.61 -1.10 -5.54
C ASP A 104 -4.49 -0.53 -6.66
N GLY A 105 -3.90 0.23 -7.57
CA GLY A 105 -4.67 0.91 -8.60
C GLY A 105 -5.36 2.18 -8.15
N VAL A 106 -4.88 2.79 -7.08
CA VAL A 106 -5.54 3.92 -6.43
C VAL A 106 -4.72 5.17 -6.65
N VAL A 107 -5.41 6.27 -6.94
CA VAL A 107 -4.81 7.60 -6.96
C VAL A 107 -5.25 8.31 -5.69
N MET A 108 -4.29 8.80 -4.91
CA MET A 108 -4.58 9.54 -3.69
C MET A 108 -4.07 10.97 -3.83
N GLU A 109 -4.74 11.88 -3.14
CA GLU A 109 -4.20 13.23 -2.93
C GLU A 109 -4.19 13.50 -1.43
N TYR A 110 -3.08 14.08 -0.97
CA TYR A 110 -2.85 14.46 0.42
C TYR A 110 -2.66 15.97 0.53
N ASP A 111 -3.34 16.55 1.52
CA ASP A 111 -3.14 17.94 1.92
C ASP A 111 -2.02 17.98 2.95
N LEU A 112 -0.93 18.67 2.62
CA LEU A 112 0.24 18.70 3.49
C LEU A 112 0.11 19.68 4.65
N GLU A 113 -0.84 20.61 4.59
CA GLU A 113 -1.08 21.50 5.73
C GLU A 113 -1.79 20.76 6.85
N LYS A 114 -2.62 19.76 6.53
CA LYS A 114 -3.33 18.97 7.52
C LYS A 114 -2.81 17.54 7.63
N ARG A 115 -1.94 17.10 6.72
CA ARG A 115 -1.40 15.74 6.66
C ARG A 115 -2.49 14.69 6.44
N THR A 116 -3.64 15.09 5.90
CA THR A 116 -4.81 14.24 5.70
C THR A 116 -5.01 13.91 4.21
N PRO A 117 -5.58 12.76 3.89
CA PRO A 117 -5.99 12.51 2.50
C PRO A 117 -7.21 13.35 2.15
N VAL A 118 -7.19 13.93 0.95
CA VAL A 118 -8.31 14.73 0.48
C VAL A 118 -8.90 14.20 -0.82
N PHE A 119 -8.27 13.22 -1.47
CA PHE A 119 -8.84 12.70 -2.70
C PHE A 119 -8.48 11.23 -2.82
N GLU A 120 -9.45 10.41 -3.22
CA GLU A 120 -9.22 8.97 -3.31
C GLU A 120 -9.99 8.42 -4.49
N ARG A 121 -9.28 7.94 -5.52
CA ARG A 121 -9.91 7.49 -6.75
C ARG A 121 -9.45 6.06 -7.05
N ASP A 122 -10.41 5.14 -7.24
CA ASP A 122 -10.14 3.72 -7.47
C ASP A 122 -11.00 3.29 -8.67
N GLU A 123 -10.49 3.57 -9.88
CA GLU A 123 -11.29 3.37 -11.09
C GLU A 123 -10.52 2.61 -12.17
N HIS A 124 -9.41 1.98 -11.80
CA HIS A 124 -8.61 1.17 -12.72
C HIS A 124 -8.81 -0.32 -12.48
N GLY A 125 -9.91 -0.71 -11.86
CA GLY A 125 -10.21 -2.11 -11.63
C GLY A 125 -9.24 -2.80 -10.69
N GLY A 126 -8.53 -2.04 -9.87
CA GLY A 126 -7.51 -2.61 -9.00
C GLY A 126 -6.21 -2.92 -9.69
N ARG A 127 -6.08 -2.62 -10.99
CA ARG A 127 -4.80 -2.78 -11.69
C ARG A 127 -3.85 -1.64 -11.35
N ARG A 128 -2.57 -1.97 -11.20
CA ARG A 128 -1.58 -1.01 -10.72
C ARG A 128 -1.64 0.28 -11.53
N VAL A 129 -1.56 1.41 -10.82
CA VAL A 129 -1.30 2.70 -11.46
C VAL A 129 0.21 2.87 -11.54
N TRP A 130 0.72 3.15 -12.74
CA TRP A 130 2.15 3.36 -12.92
C TRP A 130 2.53 4.82 -12.86
N SER A 131 1.61 5.71 -13.21
CA SER A 131 2.03 7.10 -13.38
C SER A 131 0.87 8.05 -13.16
N VAL A 132 1.16 9.21 -12.56
CA VAL A 132 0.18 10.28 -12.39
C VAL A 132 0.79 11.61 -12.80
N ASP A 133 -0.04 12.49 -13.36
CA ASP A 133 0.40 13.85 -13.68
C ASP A 133 -0.81 14.77 -13.69
N TYR A 134 -0.55 16.09 -13.80
CA TYR A 134 -1.58 17.12 -13.83
C TYR A 134 -1.28 18.11 -14.94
N THR A 135 -2.32 18.69 -15.53
CA THR A 135 -2.09 19.74 -16.52
C THR A 135 -1.46 20.95 -15.85
N ARG A 136 -0.67 21.70 -16.60
CA ARG A 136 0.08 22.83 -16.07
C ARG A 136 -0.52 24.16 -16.56
N HIS A 137 -0.40 25.18 -15.72
CA HIS A 137 -0.90 26.52 -16.03
C HIS A 137 -2.39 26.49 -16.38
N GLY A 138 -3.15 25.67 -15.66
CA GLY A 138 -4.58 25.61 -15.85
C GLY A 138 -5.34 26.34 -14.76
N GLY A 139 -4.67 26.62 -13.64
CA GLY A 139 -5.31 27.29 -12.52
C GLY A 139 -6.44 26.49 -11.91
N ALA A 140 -7.67 27.01 -12.03
CA ALA A 140 -8.84 26.27 -11.54
C ALA A 140 -9.24 25.14 -12.46
N SER A 141 -8.75 25.11 -13.70
CA SER A 141 -9.12 24.07 -14.65
C SER A 141 -8.16 22.89 -14.66
N THR A 142 -7.34 22.73 -13.63
CA THR A 142 -6.33 21.67 -13.63
C THR A 142 -7.03 20.33 -13.69
N VAL A 143 -6.46 19.36 -14.39
CA VAL A 143 -6.99 18.01 -14.32
C VAL A 143 -5.83 17.05 -14.11
N GLY A 144 -6.13 15.95 -13.45
CA GLY A 144 -5.16 14.89 -13.25
C GLY A 144 -5.37 13.77 -14.24
N ALA A 145 -4.34 12.95 -14.41
CA ALA A 145 -4.42 11.76 -15.25
C ALA A 145 -3.60 10.66 -14.61
N SER A 146 -4.09 9.43 -14.76
CA SER A 146 -3.39 8.25 -14.28
C SER A 146 -3.29 7.20 -15.39
N GLY A 147 -2.13 6.57 -15.46
CA GLY A 147 -1.87 5.47 -16.36
C GLY A 147 -1.65 4.20 -15.58
N SER A 148 -2.22 3.10 -16.09
CA SER A 148 -2.40 1.87 -15.33
C SER A 148 -2.21 0.63 -16.19
N ASP A 149 -1.92 -0.48 -15.49
CA ASP A 149 -1.89 -1.82 -16.05
C ASP A 149 -3.18 -2.21 -16.76
N ASP A 150 -4.31 -1.54 -16.46
CA ASP A 150 -5.54 -1.87 -17.16
C ASP A 150 -5.54 -1.37 -18.60
N GLY A 151 -4.47 -0.75 -19.06
CA GLY A 151 -4.38 -0.31 -20.44
C GLY A 151 -5.01 1.03 -20.73
N THR A 152 -5.42 1.79 -19.72
CA THR A 152 -6.03 3.09 -19.94
C THR A 152 -5.17 4.20 -19.36
N MET A 153 -5.27 5.37 -19.97
CA MET A 153 -5.03 6.63 -19.28
C MET A 153 -6.38 7.25 -19.01
N GLN A 154 -6.65 7.58 -17.75
CA GLN A 154 -7.90 8.20 -17.34
C GLN A 154 -7.61 9.61 -16.86
N VAL A 155 -8.48 10.54 -17.23
CA VAL A 155 -8.37 11.95 -16.89
C VAL A 155 -9.53 12.31 -15.99
N TRP A 156 -9.23 12.94 -14.86
CA TRP A 156 -10.20 13.22 -13.80
C TRP A 156 -9.99 14.63 -13.26
N ASP A 157 -11.08 15.24 -12.81
CA ASP A 157 -11.03 16.55 -12.18
C ASP A 157 -10.97 16.39 -10.66
N PRO A 158 -9.86 16.73 -10.02
CA PRO A 158 -9.72 16.49 -8.57
C PRO A 158 -10.69 17.28 -7.71
N ARG A 159 -11.43 18.24 -8.28
CA ARG A 159 -12.48 18.92 -7.55
C ARG A 159 -13.82 18.19 -7.64
N CYS A 160 -13.94 17.17 -8.46
CA CYS A 160 -15.22 16.50 -8.62
C CYS A 160 -15.20 15.17 -7.89
N PRO A 161 -16.35 14.52 -7.73
CA PRO A 161 -16.36 13.17 -7.12
C PRO A 161 -15.41 12.25 -7.86
N PRO A 162 -14.65 11.43 -7.12
CA PRO A 162 -13.59 10.63 -7.76
C PRO A 162 -14.11 9.58 -8.71
N GLU A 163 -15.37 9.16 -8.60
CA GLU A 163 -15.91 8.17 -9.52
C GLU A 163 -16.09 8.75 -10.92
N GLU A 164 -16.01 10.07 -11.05
CA GLU A 164 -16.24 10.68 -12.33
C GLU A 164 -14.98 10.63 -13.18
N SER A 165 -15.14 10.97 -14.45
CA SER A 165 -14.02 10.92 -15.36
C SER A 165 -14.23 12.01 -16.40
N VAL A 166 -13.16 12.73 -16.70
CA VAL A 166 -13.26 13.71 -17.77
C VAL A 166 -12.85 13.08 -19.10
N GLY A 167 -12.07 11.99 -19.09
CA GLY A 167 -11.80 11.28 -20.33
C GLY A 167 -11.08 9.98 -20.08
N VAL A 168 -11.12 9.09 -21.07
CA VAL A 168 -10.41 7.81 -20.98
C VAL A 168 -9.92 7.41 -22.37
N VAL A 169 -8.63 7.05 -22.47
CA VAL A 169 -8.07 6.52 -23.70
C VAL A 169 -7.39 5.18 -23.42
N ARG A 170 -7.39 4.32 -24.43
CA ARG A 170 -6.75 3.00 -24.39
C ARG A 170 -5.75 2.98 -25.53
N PRO A 171 -4.54 3.52 -25.34
CA PRO A 171 -3.68 3.82 -26.49
C PRO A 171 -3.22 2.60 -27.26
N ALA A 172 -3.03 1.46 -26.61
CA ALA A 172 -2.42 0.33 -27.29
C ALA A 172 -3.41 -0.43 -28.14
N GLY A 173 -4.70 -0.20 -27.93
CA GLY A 173 -5.71 -0.79 -28.78
C GLY A 173 -6.10 -2.17 -28.30
N ILE A 174 -6.09 -3.13 -29.23
CA ILE A 174 -6.72 -4.42 -29.00
C ILE A 174 -6.05 -5.14 -27.83
N CYS A 175 -4.73 -5.23 -27.85
CA CYS A 175 -4.03 -5.93 -26.79
C CYS A 175 -4.13 -5.24 -25.44
N ARG A 176 -4.55 -3.97 -25.40
CA ARG A 176 -4.76 -3.25 -24.13
C ARG A 176 -3.49 -3.22 -23.27
N SER A 177 -2.34 -3.01 -23.90
CA SER A 177 -1.08 -3.01 -23.16
C SER A 177 -1.05 -1.90 -22.12
N ALA A 178 -0.29 -2.12 -21.05
CA ALA A 178 -0.21 -1.18 -19.94
C ALA A 178 0.26 0.18 -20.40
N VAL A 179 -0.34 1.21 -19.81
CA VAL A 179 0.16 2.59 -19.88
C VAL A 179 1.10 2.78 -18.71
N CYS A 180 2.40 2.85 -18.99
CA CYS A 180 3.43 2.93 -17.97
C CYS A 180 3.80 4.35 -17.60
N CYS A 181 3.49 5.33 -18.44
CA CYS A 181 3.85 6.70 -18.06
C CYS A 181 2.91 7.69 -18.71
N VAL A 182 2.60 8.77 -17.99
CA VAL A 182 1.76 9.86 -18.49
C VAL A 182 2.45 11.16 -18.15
N GLU A 183 2.45 12.11 -19.08
CA GLU A 183 3.13 13.38 -18.84
C GLU A 183 2.45 14.49 -19.64
N PHE A 184 1.99 15.53 -18.95
CA PHE A 184 1.45 16.70 -19.62
C PHE A 184 2.57 17.67 -20.01
N ASP A 185 2.33 18.41 -21.07
CA ASP A 185 3.24 19.45 -21.51
C ASP A 185 3.50 20.44 -20.37
N PRO A 186 4.74 20.54 -19.87
CA PRO A 186 5.01 21.39 -18.71
C PRO A 186 4.81 22.87 -18.98
N SER A 187 4.84 23.30 -20.23
CA SER A 187 4.62 24.70 -20.55
C SER A 187 3.14 25.06 -20.70
N GLY A 188 2.24 24.10 -20.58
CA GLY A 188 0.82 24.38 -20.59
C GLY A 188 0.11 24.21 -21.93
N GLY A 189 0.83 23.77 -22.97
CA GLY A 189 0.19 23.43 -24.21
C GLY A 189 -0.73 22.23 -24.06
N PRO A 190 -1.39 21.85 -25.15
CA PRO A 190 -2.43 20.81 -25.06
C PRO A 190 -1.92 19.37 -25.14
N ALA A 191 -0.64 19.15 -25.40
CA ALA A 191 -0.15 17.80 -25.60
C ALA A 191 -0.08 17.04 -24.28
N VAL A 192 -0.45 15.77 -24.32
CA VAL A 192 -0.17 14.85 -23.23
C VAL A 192 0.44 13.60 -23.84
N ALA A 193 1.58 13.18 -23.30
CA ALA A 193 2.33 12.06 -23.83
C ALA A 193 2.16 10.85 -22.91
N VAL A 194 2.10 9.67 -23.49
CA VAL A 194 2.01 8.43 -22.72
C VAL A 194 3.00 7.43 -23.30
N GLY A 195 3.48 6.55 -22.45
CA GLY A 195 4.33 5.44 -22.86
C GLY A 195 3.67 4.15 -22.45
N CYS A 196 3.71 3.15 -23.36
CA CYS A 196 2.91 1.94 -23.25
C CYS A 196 3.75 0.68 -23.46
N ALA A 197 3.24 -0.43 -22.93
CA ALA A 197 3.89 -1.72 -23.07
C ALA A 197 3.67 -2.34 -24.45
N ASP A 198 3.05 -1.64 -25.41
CA ASP A 198 3.10 -2.11 -26.79
C ASP A 198 4.34 -1.59 -27.51
N ARG A 199 5.32 -1.05 -26.78
CA ARG A 199 6.61 -0.53 -27.27
C ARG A 199 6.49 0.83 -27.95
N LYS A 200 5.34 1.49 -27.84
CA LYS A 200 5.12 2.78 -28.48
C LYS A 200 4.83 3.86 -27.46
N GLY A 201 5.15 5.11 -27.83
CA GLY A 201 4.64 6.27 -27.14
C GLY A 201 3.52 6.88 -27.96
N TYR A 202 2.71 7.71 -27.30
CA TYR A 202 1.60 8.37 -27.98
C TYR A 202 1.48 9.80 -27.47
N VAL A 203 1.09 10.72 -28.35
CA VAL A 203 0.87 12.11 -27.93
C VAL A 203 -0.56 12.46 -28.34
N TYR A 204 -1.38 12.74 -27.34
CA TYR A 204 -2.77 13.14 -27.52
C TYR A 204 -2.93 14.63 -27.29
N ASP A 205 -4.12 15.12 -27.66
CA ASP A 205 -4.59 16.48 -27.38
C ASP A 205 -5.54 16.41 -26.18
N ILE A 206 -5.12 16.99 -25.04
CA ILE A 206 -5.94 16.89 -23.83
C ILE A 206 -7.29 17.59 -24.00
N ARG A 207 -7.37 18.61 -24.86
CA ARG A 207 -8.65 19.29 -25.07
C ARG A 207 -9.63 18.42 -25.84
N LYS A 208 -9.15 17.43 -26.57
CA LYS A 208 -10.01 16.66 -27.47
C LYS A 208 -9.39 15.30 -27.69
N LEU A 209 -9.61 14.39 -26.73
CA LEU A 209 -8.93 13.10 -26.74
C LEU A 209 -9.39 12.21 -27.88
N VAL A 210 -10.54 12.52 -28.50
CA VAL A 210 -11.01 11.77 -29.66
C VAL A 210 -10.13 12.00 -30.89
N ASP A 211 -9.34 13.08 -30.92
CA ASP A 211 -8.53 13.33 -32.09
C ASP A 211 -7.39 12.31 -32.18
N PRO A 212 -7.01 11.91 -33.39
CA PRO A 212 -6.02 10.82 -33.55
C PRO A 212 -4.68 11.15 -32.90
N ALA A 213 -4.13 10.17 -32.20
CA ALA A 213 -2.86 10.36 -31.51
C ALA A 213 -1.68 10.37 -32.49
N LEU A 214 -0.62 11.06 -32.10
CA LEU A 214 0.68 10.89 -32.73
C LEU A 214 1.34 9.64 -32.15
N THR A 215 1.80 8.74 -33.02
CA THR A 215 2.44 7.49 -32.58
C THR A 215 3.96 7.60 -32.68
N LEU A 216 4.66 7.25 -31.59
CA LEU A 216 6.11 7.20 -31.52
C LEU A 216 6.55 5.73 -31.53
N GLN A 217 7.09 5.24 -32.65
CA GLN A 217 7.14 3.79 -32.87
C GLN A 217 8.47 3.05 -32.55
N GLY A 218 9.64 3.70 -32.57
CA GLY A 218 10.91 2.99 -32.76
C GLY A 218 11.46 2.09 -31.65
N HIS A 219 10.95 2.16 -30.41
CA HIS A 219 11.51 1.29 -29.38
C HIS A 219 11.19 -0.18 -29.69
N THR A 220 12.03 -1.09 -29.18
CA THR A 220 11.79 -2.51 -29.38
C THR A 220 11.31 -3.19 -28.11
N LYS A 221 11.13 -2.43 -27.03
CA LYS A 221 10.56 -2.92 -25.78
C LYS A 221 9.65 -1.83 -25.21
N THR A 222 9.01 -2.15 -24.08
CA THR A 222 8.07 -1.25 -23.42
C THR A 222 8.68 0.14 -23.20
N VAL A 223 7.89 1.17 -23.47
CA VAL A 223 8.27 2.54 -23.13
C VAL A 223 7.91 2.78 -21.66
N SER A 224 8.92 2.87 -20.81
CA SER A 224 8.71 3.01 -19.37
C SER A 224 8.52 4.45 -18.92
N TYR A 225 9.02 5.43 -19.67
CA TYR A 225 8.91 6.83 -19.31
C TYR A 225 8.77 7.69 -20.57
N VAL A 226 8.08 8.82 -20.44
CA VAL A 226 8.14 9.87 -21.44
C VAL A 226 8.16 11.22 -20.71
N ARG A 227 9.03 12.12 -21.16
CA ARG A 227 9.17 13.44 -20.55
C ARG A 227 9.34 14.49 -21.65
N PHE A 228 8.78 15.67 -21.45
CA PHE A 228 8.94 16.74 -22.42
C PHE A 228 10.30 17.40 -22.26
N LEU A 229 10.92 17.74 -23.40
CA LEU A 229 12.05 18.66 -23.42
C LEU A 229 11.57 20.08 -23.63
N ASP A 230 10.73 20.30 -24.65
CA ASP A 230 10.04 21.56 -24.84
C ASP A 230 8.70 21.28 -25.54
N GLY A 231 8.02 22.33 -25.97
CA GLY A 231 6.75 22.15 -26.66
C GLY A 231 6.85 21.29 -27.91
N GLY A 232 8.01 21.22 -28.53
CA GLY A 232 8.12 20.45 -29.75
C GLY A 232 8.83 19.12 -29.67
N THR A 233 9.31 18.70 -28.50
CA THR A 233 10.10 17.47 -28.41
C THR A 233 9.85 16.73 -27.11
N VAL A 234 9.88 15.41 -27.19
CA VAL A 234 9.73 14.58 -26.00
C VAL A 234 10.81 13.52 -26.01
N VAL A 235 11.15 13.02 -24.82
CA VAL A 235 12.15 11.98 -24.63
C VAL A 235 11.46 10.77 -24.03
N THR A 236 11.71 9.60 -24.61
CA THR A 236 11.23 8.34 -24.06
C THR A 236 12.39 7.52 -23.52
N ALA A 237 12.09 6.67 -22.55
CA ALA A 237 12.98 5.60 -22.13
C ALA A 237 12.30 4.26 -22.41
N GLY A 238 13.08 3.27 -22.84
CA GLY A 238 12.58 1.93 -23.03
C GLY A 238 13.47 0.91 -22.32
N THR A 239 12.88 -0.27 -22.04
CA THR A 239 13.68 -1.37 -21.51
C THR A 239 14.41 -2.13 -22.61
N ASP A 240 14.61 -1.48 -23.76
CA ASP A 240 15.61 -1.87 -24.73
C ASP A 240 16.94 -1.17 -24.46
N GLY A 241 17.09 -0.54 -23.30
CA GLY A 241 18.36 0.09 -22.99
C GLY A 241 18.63 1.38 -23.74
N CYS A 242 17.60 2.11 -24.17
CA CYS A 242 17.90 3.38 -24.80
C CYS A 242 16.84 4.42 -24.46
N LEU A 243 17.25 5.68 -24.61
CA LEU A 243 16.35 6.81 -24.67
C LEU A 243 16.22 7.25 -26.12
N LYS A 244 15.13 7.94 -26.40
CA LYS A 244 14.92 8.46 -27.75
C LYS A 244 14.30 9.84 -27.65
N LEU A 245 14.82 10.76 -28.46
CA LEU A 245 14.28 12.10 -28.60
C LEU A 245 13.41 12.14 -29.85
N TRP A 246 12.18 12.66 -29.70
CA TRP A 246 11.19 12.66 -30.77
C TRP A 246 10.67 14.08 -31.01
N SER A 247 10.43 14.37 -32.30
CA SER A 247 9.67 15.56 -32.68
C SER A 247 8.19 15.34 -32.46
N VAL A 248 7.56 16.25 -31.71
CA VAL A 248 6.12 16.19 -31.51
C VAL A 248 5.39 16.61 -32.78
N GLU A 249 6.06 17.27 -33.71
CA GLU A 249 5.35 17.75 -34.89
C GLU A 249 5.17 16.67 -35.94
N ASP A 250 6.16 15.78 -36.12
CA ASP A 250 6.04 14.73 -37.12
C ASP A 250 6.22 13.32 -36.57
N GLY A 251 6.65 13.16 -35.31
CA GLY A 251 6.81 11.85 -34.74
C GLY A 251 8.09 11.15 -35.11
N ARG A 252 9.03 11.83 -35.76
CA ARG A 252 10.27 11.19 -36.15
C ARG A 252 11.23 11.11 -34.95
N VAL A 253 12.05 10.08 -34.94
CA VAL A 253 13.13 10.01 -33.95
C VAL A 253 14.22 10.98 -34.36
N ILE A 254 14.56 11.93 -33.47
CA ILE A 254 15.66 12.84 -33.72
C ILE A 254 16.99 12.19 -33.36
N ARG A 255 17.06 11.49 -32.24
CA ARG A 255 18.31 10.89 -31.76
C ARG A 255 17.98 9.76 -30.80
N THR A 256 18.87 8.76 -30.76
CA THR A 256 18.81 7.65 -29.81
C THR A 256 20.03 7.72 -28.92
N TYR A 257 19.82 7.44 -27.62
CA TYR A 257 20.83 7.59 -26.59
C TYR A 257 21.02 6.23 -25.93
N GLU A 258 22.27 5.76 -25.89
CA GLU A 258 22.59 4.43 -25.40
C GLU A 258 23.87 4.48 -24.59
N GLY A 259 24.02 3.49 -23.71
CA GLY A 259 25.22 3.34 -22.92
C GLY A 259 24.93 2.77 -21.54
N HIS A 260 23.72 2.99 -21.04
CA HIS A 260 23.31 2.49 -19.74
C HIS A 260 22.74 1.07 -19.86
N VAL A 261 22.35 0.49 -18.74
CA VAL A 261 21.84 -0.88 -18.67
C VAL A 261 20.40 -0.81 -18.15
N ASN A 262 19.44 -1.22 -18.98
CA ASN A 262 18.04 -1.18 -18.57
C ASN A 262 17.27 -2.21 -19.41
N ASN A 263 17.17 -3.43 -18.89
CA ASN A 263 16.36 -4.44 -19.56
C ASN A 263 15.20 -4.95 -18.73
N ARG A 264 15.01 -4.46 -17.48
CA ARG A 264 13.95 -5.05 -16.66
C ARG A 264 13.22 -3.95 -15.90
N ASN A 265 13.90 -3.18 -15.06
CA ASN A 265 13.22 -2.37 -14.05
C ASN A 265 12.99 -0.93 -14.52
N PHE A 266 12.03 -0.27 -13.88
CA PHE A 266 11.94 1.19 -13.95
C PHE A 266 13.18 1.77 -13.27
N VAL A 267 13.98 2.54 -14.02
CA VAL A 267 15.19 3.14 -13.46
C VAL A 267 15.14 4.66 -13.46
N GLY A 268 14.02 5.26 -13.86
CA GLY A 268 13.88 6.70 -13.79
C GLY A 268 14.28 7.38 -15.09
N LEU A 269 13.61 8.48 -15.38
CA LEU A 269 14.00 9.34 -16.50
C LEU A 269 13.60 10.75 -16.10
N SER A 270 14.52 11.69 -16.20
CA SER A 270 14.16 13.06 -15.91
C SER A 270 14.87 13.94 -16.93
N VAL A 271 14.17 14.94 -17.45
CA VAL A 271 14.76 15.81 -18.46
C VAL A 271 14.85 17.20 -17.85
N TRP A 272 16.07 17.70 -17.74
CA TRP A 272 16.31 19.07 -17.30
C TRP A 272 16.12 19.97 -18.51
N ARG A 273 14.96 20.63 -18.54
CA ARG A 273 14.54 21.34 -19.76
C ARG A 273 15.44 22.54 -20.03
N ASN A 274 15.81 23.31 -18.98
CA ASN A 274 16.67 24.47 -19.20
C ASN A 274 18.04 24.06 -19.72
N GLY A 275 18.58 22.93 -19.27
CA GLY A 275 19.89 22.50 -19.73
C GLY A 275 19.91 21.53 -20.87
N ALA A 276 18.74 21.04 -21.30
CA ALA A 276 18.61 19.96 -22.28
C ALA A 276 19.48 18.77 -21.91
N LEU A 277 19.44 18.37 -20.63
CA LEU A 277 20.18 17.19 -20.18
C LEU A 277 19.18 16.11 -19.75
N PHE A 278 19.44 14.87 -20.13
CA PHE A 278 18.56 13.74 -19.80
C PHE A 278 19.29 12.89 -18.78
N GLY A 279 18.64 12.64 -17.64
CA GLY A 279 19.18 11.77 -16.61
C GLY A 279 18.38 10.49 -16.54
N CYS A 280 19.07 9.37 -16.28
CA CYS A 280 18.37 8.13 -16.02
C CYS A 280 19.21 7.24 -15.10
N GLY A 281 18.55 6.28 -14.46
CA GLY A 281 19.23 5.26 -13.69
C GLY A 281 19.77 4.18 -14.61
N SER A 282 20.29 3.13 -13.98
CA SER A 282 20.94 2.03 -14.70
C SER A 282 21.00 0.84 -13.76
N GLU A 283 20.82 -0.36 -14.31
CA GLU A 283 20.73 -1.56 -13.48
C GLU A 283 22.09 -2.05 -13.00
N ASN A 284 23.20 -1.48 -13.51
CA ASN A 284 24.54 -1.75 -12.97
C ASN A 284 24.96 -0.71 -11.93
N ASN A 285 24.00 -0.15 -11.18
CA ASN A 285 24.26 0.81 -10.11
C ASN A 285 25.00 2.06 -10.62
N ARG A 286 24.39 2.73 -11.59
CA ARG A 286 24.98 3.93 -12.15
C ARG A 286 23.89 4.96 -12.41
N VAL A 287 24.28 6.23 -12.33
CA VAL A 287 23.47 7.36 -12.77
C VAL A 287 24.07 7.87 -14.06
N PHE A 288 23.24 8.01 -15.11
CA PHE A 288 23.69 8.49 -16.42
C PHE A 288 23.10 9.86 -16.72
N VAL A 289 23.91 10.70 -17.40
CA VAL A 289 23.43 11.97 -17.94
C VAL A 289 23.91 12.07 -19.38
N TYR A 290 22.94 12.33 -20.27
CA TYR A 290 23.14 12.60 -21.69
C TYR A 290 22.85 14.08 -21.95
N ASP A 291 23.58 14.65 -22.89
CA ASP A 291 23.24 15.93 -23.48
C ASP A 291 22.42 15.66 -24.74
N ARG A 292 21.39 16.46 -24.96
CA ARG A 292 20.54 16.34 -26.14
C ARG A 292 21.33 16.14 -27.43
N ARG A 293 22.50 16.76 -27.54
CA ARG A 293 23.19 16.79 -28.83
C ARG A 293 23.88 15.48 -29.20
N TRP A 294 24.17 14.59 -28.25
CA TRP A 294 24.97 13.41 -28.56
C TRP A 294 24.36 12.15 -27.96
N GLY A 295 24.45 11.05 -28.70
CA GLY A 295 23.86 9.79 -28.28
C GLY A 295 24.66 9.00 -27.26
N LYS A 296 25.90 9.41 -26.98
CA LYS A 296 26.74 8.83 -25.93
C LYS A 296 26.62 9.67 -24.67
N PRO A 297 26.60 9.03 -23.50
CA PRO A 297 26.49 9.79 -22.24
C PRO A 297 27.63 10.78 -22.10
N VAL A 298 27.32 11.95 -21.52
CA VAL A 298 28.39 12.87 -21.17
C VAL A 298 28.86 12.65 -19.73
N TRP A 299 28.12 11.89 -18.93
CA TRP A 299 28.50 11.82 -17.51
C TRP A 299 27.88 10.58 -16.88
N VAL A 300 28.64 9.91 -16.01
CA VAL A 300 28.16 8.75 -15.27
C VAL A 300 28.68 8.85 -13.85
N ASP A 301 27.87 8.45 -12.88
CA ASP A 301 28.37 8.30 -11.52
C ASP A 301 28.05 6.91 -11.01
N GLY A 302 28.94 6.41 -10.15
CA GLY A 302 28.85 5.03 -9.68
C GLY A 302 28.96 4.86 -8.17
N PHE A 303 28.36 5.79 -7.41
CA PHE A 303 28.44 5.74 -5.95
C PHE A 303 28.00 4.37 -5.42
N GLU A 304 28.74 3.86 -4.45
CA GLU A 304 28.47 2.57 -3.80
C GLU A 304 28.37 2.81 -2.30
N PRO A 305 27.19 2.66 -1.70
CA PRO A 305 27.08 2.86 -0.25
C PRO A 305 27.87 1.81 0.50
N VAL A 306 28.30 2.17 1.71
CA VAL A 306 29.10 1.25 2.51
C VAL A 306 28.28 0.00 2.80
N GLY A 307 28.88 -1.17 2.56
CA GLY A 307 28.21 -2.43 2.80
C GLY A 307 27.31 -2.91 1.69
N MET A 308 27.38 -2.30 0.50
CA MET A 308 26.55 -2.76 -0.62
C MET A 308 27.03 -4.10 -1.14
N ASN A 309 28.35 -4.32 -1.15
CA ASN A 309 28.94 -5.50 -1.77
C ASN A 309 28.25 -6.78 -1.34
N SER A 310 28.04 -6.93 -0.03
CA SER A 310 27.36 -8.08 0.55
C SER A 310 25.97 -8.29 -0.07
N GLY A 311 25.45 -9.51 0.12
CA GLY A 311 24.01 -9.72 0.15
C GLY A 311 23.37 -10.35 -1.07
N SER A 312 24.04 -10.40 -2.21
CA SER A 312 23.58 -10.98 -3.48
C SER A 312 22.50 -10.13 -4.16
N ASP A 313 21.98 -9.07 -3.52
CA ASP A 313 21.07 -8.14 -4.18
C ASP A 313 21.90 -7.11 -4.95
N LYS A 314 21.75 -7.07 -6.27
CA LYS A 314 22.50 -6.12 -7.07
C LYS A 314 21.79 -4.77 -7.01
N ARG A 315 22.38 -3.83 -6.29
CA ARG A 315 21.82 -2.49 -6.16
C ARG A 315 21.75 -1.80 -7.52
N PHE A 316 20.66 -1.08 -7.77
CA PHE A 316 20.59 -0.25 -8.96
C PHE A 316 20.02 1.11 -8.59
N VAL A 317 20.15 2.05 -9.51
CA VAL A 317 19.53 3.37 -9.38
C VAL A 317 18.13 3.27 -9.96
N SER A 318 17.12 3.54 -9.12
CA SER A 318 15.74 3.27 -9.48
C SER A 318 14.94 4.54 -9.74
N SER A 319 15.48 5.71 -9.41
CA SER A 319 14.75 6.93 -9.73
C SER A 319 15.71 8.11 -9.89
N VAL A 320 15.32 9.10 -10.71
CA VAL A 320 16.10 10.34 -10.85
C VAL A 320 15.13 11.50 -11.01
N CYS A 321 15.58 12.69 -10.60
CA CYS A 321 14.77 13.89 -10.78
C CYS A 321 15.67 15.12 -10.76
N TRP A 322 15.58 15.95 -11.81
CA TRP A 322 16.28 17.22 -11.86
C TRP A 322 15.47 18.33 -11.16
N ARG A 323 16.18 19.33 -10.66
CA ARG A 323 15.57 20.58 -10.19
C ARG A 323 15.38 21.51 -11.40
N GLN A 324 14.13 21.66 -11.84
CA GLN A 324 13.89 22.28 -13.14
C GLN A 324 14.22 23.76 -13.15
N SER A 325 14.11 24.46 -12.01
CA SER A 325 14.34 25.89 -12.08
C SER A 325 15.81 26.25 -12.20
N GLY A 326 16.72 25.29 -12.15
CA GLY A 326 18.13 25.59 -12.36
C GLY A 326 18.41 26.04 -13.79
N VAL A 327 19.33 27.00 -13.93
CA VAL A 327 19.80 27.47 -15.22
C VAL A 327 21.34 27.42 -15.22
N ASP A 328 21.97 28.27 -14.39
CA ASP A 328 23.42 28.21 -14.24
C ASP A 328 23.90 27.18 -13.22
N GLN A 329 23.00 26.63 -12.43
CA GLN A 329 23.32 25.54 -11.52
C GLN A 329 22.31 24.44 -11.78
N CYS A 330 22.75 23.18 -11.74
CA CYS A 330 21.75 22.13 -11.81
C CYS A 330 21.90 21.24 -10.60
N THR A 331 20.81 20.52 -10.32
CA THR A 331 20.74 19.62 -9.19
C THR A 331 20.04 18.38 -9.69
N LEU A 332 20.64 17.22 -9.45
CA LEU A 332 20.10 15.94 -9.86
C LEU A 332 19.98 15.09 -8.60
N VAL A 333 18.77 14.63 -8.31
CA VAL A 333 18.55 13.74 -7.16
C VAL A 333 18.30 12.35 -7.69
N ALA A 334 19.05 11.38 -7.19
CA ALA A 334 18.91 10.00 -7.62
C ALA A 334 18.55 9.15 -6.41
N GLY A 335 17.76 8.11 -6.66
CA GLY A 335 17.32 7.23 -5.61
C GLY A 335 17.71 5.81 -5.94
N GLY A 336 18.28 5.11 -4.92
CA GLY A 336 18.72 3.75 -5.08
C GLY A 336 17.65 2.74 -4.73
N SER A 337 17.86 1.52 -5.23
CA SER A 337 16.99 0.40 -4.88
C SER A 337 17.10 0.04 -3.41
N ASP A 338 18.04 0.61 -2.68
CA ASP A 338 18.17 0.37 -1.24
C ASP A 338 17.64 1.53 -0.42
N GLY A 339 17.00 2.52 -1.04
CA GLY A 339 16.47 3.67 -0.31
C GLY A 339 17.46 4.79 -0.06
N VAL A 340 18.70 4.66 -0.54
CA VAL A 340 19.69 5.72 -0.37
C VAL A 340 19.42 6.83 -1.38
N LEU A 341 19.52 8.10 -0.94
CA LEU A 341 19.41 9.23 -1.84
C LEU A 341 20.79 9.80 -2.14
N GLN A 342 21.01 10.19 -3.40
CA GLN A 342 22.27 10.73 -3.87
C GLN A 342 21.97 12.06 -4.54
N VAL A 343 22.49 13.14 -3.96
CA VAL A 343 22.20 14.49 -4.44
C VAL A 343 23.45 15.02 -5.12
N TYR A 344 23.36 15.30 -6.42
CA TYR A 344 24.44 15.82 -7.24
C TYR A 344 24.19 17.29 -7.51
N VAL A 345 25.24 18.11 -7.39
CA VAL A 345 25.17 19.54 -7.71
C VAL A 345 26.18 19.86 -8.80
N GLY A 346 25.77 20.76 -9.70
CA GLY A 346 26.57 21.08 -10.87
C GLY A 346 26.61 22.55 -11.21
N LYS A 347 27.80 22.97 -11.63
CA LYS A 347 28.07 24.30 -12.18
C LYS A 347 28.87 24.12 -13.47
N ARG A 348 28.88 25.13 -14.31
CA ARG A 348 29.59 25.01 -15.60
C ARG A 348 31.10 24.86 -15.38
N LEU A 349 31.77 24.14 -16.26
CA LEU A 349 33.23 23.90 -16.14
C LEU A 349 34.00 25.16 -16.57
N PRO B 3 -13.53 -37.01 0.85
CA PRO B 3 -14.13 -36.02 1.76
C PRO B 3 -13.22 -34.81 2.00
N PRO B 4 -13.67 -33.61 1.62
CA PRO B 4 -12.85 -32.41 1.88
C PRO B 4 -12.65 -32.20 3.38
N ARG B 5 -11.45 -31.74 3.73
CA ARG B 5 -11.17 -31.40 5.11
C ARG B 5 -12.13 -30.32 5.59
N LYS B 6 -12.52 -30.39 6.85
CA LYS B 6 -13.30 -29.32 7.44
C LYS B 6 -12.45 -28.05 7.50
N VAL B 7 -13.06 -26.93 7.11
CA VAL B 7 -12.40 -25.64 7.25
C VAL B 7 -12.60 -25.17 8.68
N LEU B 8 -11.52 -25.10 9.45
CA LEU B 8 -11.60 -24.70 10.86
C LEU B 8 -11.50 -23.19 11.06
N ILE B 9 -10.65 -22.51 10.30
CA ILE B 9 -10.40 -21.08 10.51
C ILE B 9 -10.29 -20.42 9.14
N ILE B 10 -10.93 -19.24 8.98
CA ILE B 10 -10.68 -18.38 7.83
C ILE B 10 -10.22 -17.03 8.35
N SER B 11 -9.32 -16.40 7.59
CA SER B 11 -8.85 -15.06 7.89
C SER B 11 -8.58 -14.32 6.59
N ALA B 12 -8.95 -13.03 6.56
CA ALA B 12 -8.77 -12.19 5.38
C ALA B 12 -7.85 -11.02 5.72
N GLY B 13 -6.93 -10.71 4.80
CA GLY B 13 -6.04 -9.59 4.94
C GLY B 13 -6.39 -8.44 4.01
N ALA B 14 -5.37 -7.63 3.69
CA ALA B 14 -5.58 -6.53 2.76
C ALA B 14 -5.92 -7.04 1.37
N SER B 15 -5.10 -7.97 0.86
CA SER B 15 -5.34 -8.54 -0.47
C SER B 15 -5.14 -10.05 -0.51
N HIS B 16 -5.17 -10.72 0.63
CA HIS B 16 -4.94 -12.16 0.64
C HIS B 16 -5.89 -12.80 1.64
N SER B 17 -5.90 -14.13 1.62
CA SER B 17 -6.82 -14.93 2.42
C SER B 17 -6.04 -16.15 2.91
N VAL B 18 -6.37 -16.60 4.11
CA VAL B 18 -5.71 -17.76 4.72
C VAL B 18 -6.79 -18.61 5.37
N ALA B 19 -6.56 -19.92 5.39
CA ALA B 19 -7.47 -20.83 6.05
C ALA B 19 -6.68 -21.94 6.72
N LEU B 20 -7.27 -22.48 7.77
CA LEU B 20 -6.76 -23.65 8.48
C LEU B 20 -7.82 -24.73 8.35
N LEU B 21 -7.38 -25.91 7.91
CA LEU B 21 -8.22 -27.09 7.72
C LEU B 21 -7.81 -28.20 8.67
N SER B 22 -8.75 -29.13 8.88
CA SER B 22 -8.53 -30.27 9.76
C SER B 22 -7.29 -31.04 9.30
N GLY B 23 -6.62 -31.66 10.28
CA GLY B 23 -5.27 -32.11 10.08
C GLY B 23 -4.23 -31.02 10.16
N ASP B 24 -4.62 -29.81 10.60
CA ASP B 24 -3.72 -28.69 10.77
C ASP B 24 -2.98 -28.39 9.46
N ILE B 25 -3.75 -28.21 8.40
CA ILE B 25 -3.20 -27.85 7.10
C ILE B 25 -3.51 -26.38 6.88
N VAL B 26 -2.49 -25.59 6.58
CA VAL B 26 -2.66 -24.16 6.30
C VAL B 26 -2.68 -23.97 4.81
N CYS B 27 -3.60 -23.16 4.31
CA CYS B 27 -3.54 -22.76 2.91
C CYS B 27 -3.77 -21.27 2.79
N SER B 28 -3.33 -20.71 1.66
CA SER B 28 -3.29 -19.27 1.50
C SER B 28 -3.44 -18.94 0.02
N TRP B 29 -4.05 -17.78 -0.25
CA TRP B 29 -4.27 -17.40 -1.64
C TRP B 29 -4.47 -15.90 -1.72
N GLY B 30 -4.46 -15.39 -2.95
CA GLY B 30 -4.53 -13.97 -3.19
C GLY B 30 -3.18 -13.36 -3.51
N ARG B 31 -2.96 -12.13 -3.10
CA ARG B 31 -1.73 -11.41 -3.41
C ARG B 31 -0.54 -12.04 -2.69
N GLY B 32 0.56 -12.21 -3.41
CA GLY B 32 1.73 -12.84 -2.84
C GLY B 32 2.99 -12.02 -2.97
N GLU B 33 2.89 -10.82 -3.56
CA GLU B 33 4.09 -10.06 -3.93
C GLU B 33 4.87 -9.58 -2.71
N ASP B 34 4.25 -9.57 -1.53
CA ASP B 34 4.92 -9.09 -0.32
C ASP B 34 5.36 -10.24 0.58
N GLY B 35 5.18 -11.48 0.13
CA GLY B 35 5.50 -12.65 0.94
C GLY B 35 4.40 -13.14 1.86
N GLN B 36 3.21 -12.53 1.81
CA GLN B 36 2.18 -12.80 2.80
C GLN B 36 1.53 -14.18 2.65
N LEU B 37 1.74 -14.86 1.52
CA LEU B 37 1.20 -16.21 1.37
C LEU B 37 2.13 -17.27 1.95
N GLY B 38 3.42 -16.96 2.08
CA GLY B 38 4.36 -17.84 2.74
C GLY B 38 4.84 -19.03 1.94
N HIS B 39 4.71 -19.01 0.62
CA HIS B 39 5.11 -20.14 -0.20
C HIS B 39 6.57 -20.07 -0.65
N GLY B 40 7.32 -19.08 -0.20
CA GLY B 40 8.70 -18.98 -0.63
C GLY B 40 8.90 -18.36 -2.00
N ASP B 41 7.90 -17.68 -2.54
CA ASP B 41 8.02 -16.92 -3.78
C ASP B 41 7.13 -15.69 -3.65
N ALA B 42 7.18 -14.81 -4.64
CA ALA B 42 6.40 -13.58 -4.62
C ALA B 42 5.18 -13.64 -5.54
N GLU B 43 4.73 -14.84 -5.90
CA GLU B 43 3.64 -14.99 -6.86
C GLU B 43 2.28 -14.91 -6.18
N ASP B 44 1.32 -14.29 -6.84
CA ASP B 44 -0.09 -14.39 -6.44
C ASP B 44 -0.55 -15.84 -6.64
N ARG B 45 -1.59 -16.22 -5.90
CA ARG B 45 -2.22 -17.54 -6.04
C ARG B 45 -3.72 -17.34 -6.18
N PRO B 46 -4.32 -17.68 -7.32
CA PRO B 46 -5.77 -17.47 -7.48
C PRO B 46 -6.62 -18.54 -6.84
N SER B 47 -6.06 -19.67 -6.43
CA SER B 47 -6.76 -20.76 -5.76
C SER B 47 -6.08 -21.08 -4.44
N PRO B 48 -6.83 -21.56 -3.45
CA PRO B 48 -6.21 -21.97 -2.18
C PRO B 48 -5.04 -22.92 -2.39
N THR B 49 -3.88 -22.54 -1.84
CA THR B 49 -2.63 -23.24 -2.03
C THR B 49 -2.06 -23.65 -0.69
N GLN B 50 -1.74 -24.93 -0.53
CA GLN B 50 -1.23 -25.42 0.75
C GLN B 50 0.11 -24.78 1.09
N LEU B 51 0.23 -24.26 2.31
CA LEU B 51 1.49 -23.66 2.78
C LEU B 51 2.35 -24.78 3.35
N SER B 52 3.19 -25.37 2.49
CA SER B 52 3.87 -26.62 2.83
C SER B 52 4.81 -26.48 4.02
N ALA B 53 5.44 -25.31 4.18
CA ALA B 53 6.41 -25.15 5.27
C ALA B 53 5.80 -25.32 6.66
N LEU B 54 4.48 -25.27 6.79
CA LEU B 54 3.86 -25.46 8.10
C LEU B 54 3.21 -26.84 8.28
N ASP B 55 3.32 -27.72 7.29
CA ASP B 55 2.83 -29.10 7.46
C ASP B 55 3.54 -29.76 8.65
N GLY B 56 2.78 -30.44 9.49
CA GLY B 56 3.37 -31.13 10.62
C GLY B 56 3.72 -30.25 11.80
N HIS B 57 3.46 -28.95 11.73
CA HIS B 57 3.75 -28.05 12.83
C HIS B 57 2.59 -27.89 13.81
N GLN B 58 1.50 -28.64 13.62
CA GLN B 58 0.34 -28.59 14.52
C GLN B 58 -0.17 -27.15 14.69
N ILE B 59 -0.27 -26.43 13.57
CA ILE B 59 -0.83 -25.10 13.60
C ILE B 59 -2.28 -25.18 14.04
N VAL B 60 -2.65 -24.33 14.99
N VAL B 60 -2.65 -24.35 15.01
CA VAL B 60 -4.00 -24.28 15.53
CA VAL B 60 -4.05 -24.30 15.47
C VAL B 60 -4.68 -22.96 15.25
C VAL B 60 -4.70 -22.97 15.20
N SER B 61 -3.96 -21.96 14.75
CA SER B 61 -4.59 -20.67 14.49
C SER B 61 -3.81 -19.91 13.43
N VAL B 62 -4.54 -19.19 12.57
CA VAL B 62 -3.95 -18.31 11.56
C VAL B 62 -4.70 -16.98 11.61
N THR B 63 -3.98 -15.89 11.40
CA THR B 63 -4.51 -14.53 11.45
C THR B 63 -3.81 -13.68 10.42
N CYS B 64 -4.58 -12.97 9.59
CA CYS B 64 -4.03 -12.05 8.60
C CYS B 64 -3.94 -10.64 9.18
N GLY B 65 -2.82 -9.98 8.92
CA GLY B 65 -2.73 -8.53 9.05
C GLY B 65 -3.13 -7.91 7.74
N ALA B 66 -2.51 -6.79 7.36
CA ALA B 66 -2.74 -6.24 6.02
C ALA B 66 -1.94 -7.01 4.99
N ASP B 67 -0.62 -6.88 5.03
CA ASP B 67 0.28 -7.58 4.11
C ASP B 67 1.20 -8.54 4.87
N HIS B 68 0.75 -9.04 6.00
CA HIS B 68 1.49 -10.06 6.74
C HIS B 68 0.51 -11.06 7.34
N THR B 69 1.06 -12.18 7.80
CA THR B 69 0.28 -13.27 8.33
C THR B 69 1.01 -13.86 9.53
N VAL B 70 0.23 -14.32 10.51
CA VAL B 70 0.75 -14.94 11.72
C VAL B 70 -0.02 -16.25 11.94
N ALA B 71 0.69 -17.26 12.42
CA ALA B 71 0.07 -18.54 12.73
C ALA B 71 0.68 -19.02 14.04
N TYR B 72 -0.05 -19.87 14.77
CA TYR B 72 0.61 -20.43 15.95
C TYR B 72 0.15 -21.86 16.22
N SER B 73 1.05 -22.56 16.92
CA SER B 73 0.90 -23.94 17.36
C SER B 73 0.89 -23.95 18.88
N GLN B 74 -0.21 -24.42 19.45
CA GLN B 74 -0.34 -24.52 20.90
C GLN B 74 0.52 -25.66 21.45
N SER B 75 0.58 -26.78 20.71
CA SER B 75 1.40 -27.92 21.11
C SER B 75 2.89 -27.59 20.98
N GLY B 76 3.30 -27.07 19.83
CA GLY B 76 4.68 -26.65 19.67
C GLY B 76 5.06 -25.43 20.46
N MET B 77 4.08 -24.69 20.98
CA MET B 77 4.32 -23.42 21.68
C MET B 77 5.19 -22.53 20.82
N GLU B 78 4.77 -22.37 19.57
CA GLU B 78 5.55 -21.58 18.63
C GLU B 78 4.60 -20.67 17.87
N VAL B 79 4.99 -19.41 17.70
CA VAL B 79 4.27 -18.45 16.86
C VAL B 79 5.13 -18.17 15.64
N TYR B 80 4.50 -18.10 14.46
CA TYR B 80 5.20 -17.90 13.19
C TYR B 80 4.63 -16.66 12.51
N SER B 81 5.49 -15.92 11.81
CA SER B 81 5.03 -14.75 11.06
C SER B 81 5.76 -14.65 9.74
N TRP B 82 5.11 -14.00 8.78
CA TRP B 82 5.71 -13.80 7.47
C TRP B 82 4.99 -12.68 6.75
N GLY B 83 5.63 -12.18 5.68
CA GLY B 83 5.11 -11.11 4.84
C GLY B 83 5.90 -9.82 4.95
N TRP B 84 5.22 -8.70 4.72
CA TRP B 84 5.83 -7.38 4.81
C TRP B 84 6.22 -7.08 6.24
N GLY B 85 7.45 -6.58 6.44
CA GLY B 85 7.99 -6.51 7.78
C GLY B 85 8.30 -5.14 8.32
N ASP B 86 7.87 -4.07 7.63
CA ASP B 86 8.23 -2.74 8.10
C ASP B 86 7.63 -2.45 9.46
N PHE B 87 8.36 -1.67 10.26
CA PHE B 87 7.99 -1.25 11.61
C PHE B 87 8.03 -2.40 12.62
N GLY B 88 8.60 -3.55 12.27
CA GLY B 88 8.68 -4.65 13.22
C GLY B 88 7.40 -5.44 13.41
N ARG B 89 6.46 -5.35 12.47
CA ARG B 89 5.17 -6.04 12.64
C ARG B 89 5.31 -7.56 12.65
N LEU B 90 6.41 -8.12 12.15
CA LEU B 90 6.63 -9.56 12.23
C LEU B 90 7.28 -10.00 13.55
N GLY B 91 7.79 -9.07 14.34
CA GLY B 91 8.24 -9.37 15.70
C GLY B 91 9.60 -10.02 15.82
N HIS B 92 10.43 -9.99 14.78
CA HIS B 92 11.70 -10.70 14.83
C HIS B 92 12.88 -9.82 15.22
N GLY B 93 12.64 -8.61 15.72
CA GLY B 93 13.75 -7.74 16.09
C GLY B 93 14.40 -7.00 14.94
N ASN B 94 13.79 -7.00 13.76
CA ASN B 94 14.25 -6.22 12.62
C ASN B 94 13.02 -5.81 11.82
N SER B 95 13.24 -5.23 10.65
N SER B 95 13.24 -5.23 10.65
CA SER B 95 12.15 -4.81 9.78
CA SER B 95 12.15 -4.81 9.78
C SER B 95 12.14 -5.54 8.44
C SER B 95 12.14 -5.54 8.44
N SER B 96 12.72 -6.75 8.40
CA SER B 96 12.90 -7.45 7.13
C SER B 96 11.64 -8.19 6.69
N ASP B 97 11.36 -8.13 5.38
CA ASP B 97 10.37 -8.97 4.70
C ASP B 97 10.67 -10.44 4.89
N LEU B 98 9.63 -11.27 4.89
CA LEU B 98 9.81 -12.72 4.91
C LEU B 98 8.83 -13.38 3.94
N PHE B 99 9.30 -14.33 3.14
CA PHE B 99 8.46 -15.01 2.16
C PHE B 99 8.18 -16.45 2.56
N THR B 100 8.67 -16.88 3.72
CA THR B 100 8.41 -18.16 4.36
C THR B 100 8.20 -17.91 5.84
N PRO B 101 7.38 -18.73 6.51
CA PRO B 101 7.11 -18.51 7.94
C PRO B 101 8.39 -18.61 8.77
N LEU B 102 8.54 -17.70 9.73
CA LEU B 102 9.65 -17.79 10.67
C LEU B 102 9.14 -17.71 12.09
N PRO B 103 9.67 -18.52 13.01
CA PRO B 103 9.22 -18.44 14.42
C PRO B 103 9.60 -17.10 15.04
N ILE B 104 8.66 -16.53 15.79
CA ILE B 104 8.87 -15.38 16.66
C ILE B 104 9.53 -15.91 17.93
N LYS B 105 10.85 -15.76 18.04
CA LYS B 105 11.57 -16.42 19.13
C LYS B 105 11.10 -15.96 20.49
N ALA B 106 10.79 -14.66 20.64
CA ALA B 106 10.35 -14.11 21.91
C ALA B 106 9.09 -14.79 22.45
N LEU B 107 8.30 -15.42 21.60
CA LEU B 107 7.05 -16.05 22.02
C LEU B 107 7.17 -17.55 22.19
N HIS B 108 8.37 -18.11 22.03
CA HIS B 108 8.52 -19.55 22.19
C HIS B 108 8.24 -19.96 23.63
N GLY B 109 7.46 -21.03 23.78
CA GLY B 109 7.17 -21.55 25.11
C GLY B 109 6.14 -20.77 25.89
N ILE B 110 5.50 -19.78 25.28
CA ILE B 110 4.47 -18.99 25.93
C ILE B 110 3.09 -19.55 25.54
N ARG B 111 2.17 -19.62 26.50
CA ARG B 111 0.82 -20.11 26.24
C ARG B 111 0.02 -18.99 25.59
N ILE B 112 -0.24 -19.12 24.30
CA ILE B 112 -0.91 -18.10 23.51
C ILE B 112 -2.35 -18.54 23.28
N LYS B 113 -3.28 -17.65 23.62
CA LYS B 113 -4.71 -17.87 23.46
C LYS B 113 -5.26 -17.19 22.23
N GLN B 114 -4.63 -16.09 21.80
CA GLN B 114 -5.12 -15.39 20.62
C GLN B 114 -4.01 -14.54 20.05
N ILE B 115 -4.05 -14.33 18.73
CA ILE B 115 -3.24 -13.33 18.05
C ILE B 115 -4.16 -12.42 17.25
N ALA B 116 -3.99 -11.11 17.41
CA ALA B 116 -4.70 -10.11 16.62
C ALA B 116 -3.69 -9.36 15.75
N CYS B 117 -4.05 -9.13 14.49
CA CYS B 117 -3.15 -8.49 13.55
C CYS B 117 -3.82 -7.24 13.03
N GLY B 118 -3.32 -6.07 13.44
CA GLY B 118 -3.70 -4.83 12.82
C GLY B 118 -3.00 -4.67 11.49
N ASP B 119 -3.15 -3.49 10.91
CA ASP B 119 -2.51 -3.27 9.61
C ASP B 119 -0.99 -3.26 9.75
N SER B 120 -0.46 -2.68 10.82
CA SER B 120 1.00 -2.67 10.95
C SER B 120 1.44 -2.94 12.38
N HIS B 121 0.58 -3.53 13.21
CA HIS B 121 0.97 -3.97 14.53
C HIS B 121 0.21 -5.24 14.87
N CYS B 122 0.73 -5.98 15.85
CA CYS B 122 0.17 -7.25 16.28
C CYS B 122 0.11 -7.31 17.80
N LEU B 123 -0.79 -8.14 18.30
CA LEU B 123 -0.89 -8.40 19.72
C LEU B 123 -1.13 -9.89 19.95
N ALA B 124 -0.58 -10.39 21.04
CA ALA B 124 -0.79 -11.76 21.49
C ALA B 124 -1.41 -11.71 22.88
N VAL B 125 -2.46 -12.49 23.09
CA VAL B 125 -3.06 -12.68 24.41
C VAL B 125 -2.70 -14.07 24.90
N THR B 126 -2.22 -14.14 26.14
CA THR B 126 -1.78 -15.39 26.74
C THR B 126 -2.93 -16.08 27.45
N MET B 127 -2.75 -17.37 27.76
CA MET B 127 -3.75 -18.10 28.52
C MET B 127 -4.02 -17.43 29.86
N GLU B 128 -3.03 -16.74 30.41
CA GLU B 128 -3.18 -16.08 31.69
C GLU B 128 -3.78 -14.68 31.55
N GLY B 129 -4.20 -14.29 30.36
CA GLY B 129 -4.86 -13.01 30.17
C GLY B 129 -3.93 -11.82 30.07
N GLU B 130 -2.65 -12.05 29.82
CA GLU B 130 -1.71 -10.96 29.58
C GLU B 130 -1.62 -10.70 28.08
N VAL B 131 -1.14 -9.50 27.73
CA VAL B 131 -1.09 -9.06 26.34
C VAL B 131 0.32 -8.56 26.03
N GLN B 132 0.88 -9.05 24.93
CA GLN B 132 2.13 -8.53 24.38
C GLN B 132 1.84 -7.94 23.01
N SER B 133 2.54 -6.87 22.65
CA SER B 133 2.27 -6.20 21.38
C SER B 133 3.58 -5.88 20.67
N TRP B 134 3.51 -5.71 19.36
CA TRP B 134 4.70 -5.31 18.63
C TRP B 134 4.31 -4.64 17.31
N GLY B 135 5.27 -3.93 16.75
CA GLY B 135 5.09 -3.28 15.46
C GLY B 135 4.94 -1.77 15.55
N ARG B 136 4.17 -1.21 14.62
CA ARG B 136 3.99 0.24 14.53
C ARG B 136 3.32 0.78 15.79
N ASN B 137 3.81 1.94 16.26
CA ASN B 137 3.35 2.53 17.50
C ASN B 137 3.22 4.06 17.41
N GLN B 138 3.13 4.62 16.20
CA GLN B 138 3.19 6.08 16.06
C GLN B 138 2.02 6.76 16.76
N ASN B 139 0.86 6.11 16.83
CA ASN B 139 -0.30 6.65 17.54
C ASN B 139 -0.54 5.96 18.89
N GLY B 140 0.44 5.21 19.39
CA GLY B 140 0.31 4.57 20.69
C GLY B 140 -0.42 3.24 20.68
N GLN B 141 -0.65 2.64 19.52
CA GLN B 141 -1.50 1.46 19.40
C GLN B 141 -0.90 0.20 20.04
N LEU B 142 0.37 0.19 20.41
CA LEU B 142 0.93 -0.93 21.18
C LEU B 142 0.56 -0.87 22.64
N GLY B 143 0.05 0.27 23.13
CA GLY B 143 -0.31 0.40 24.52
C GLY B 143 0.85 0.38 25.49
N LEU B 144 2.06 0.69 25.02
CA LEU B 144 3.26 0.62 25.84
C LEU B 144 3.61 1.94 26.51
N GLY B 145 2.84 3.00 26.30
CA GLY B 145 3.07 4.28 26.94
C GLY B 145 4.03 5.21 26.23
N ASP B 146 4.49 4.85 25.03
CA ASP B 146 5.34 5.70 24.20
C ASP B 146 4.82 5.71 22.77
N THR B 147 5.60 6.27 21.82
CA THR B 147 5.28 6.16 20.40
C THR B 147 6.44 5.58 19.61
N GLU B 148 7.36 4.88 20.27
CA GLU B 148 8.43 4.19 19.57
C GLU B 148 7.93 2.83 19.08
N ASP B 149 8.18 2.52 17.79
CA ASP B 149 7.87 1.19 17.29
C ASP B 149 8.66 0.15 18.08
N SER B 150 8.13 -1.08 18.14
CA SER B 150 8.84 -2.14 18.83
C SER B 150 9.00 -3.30 17.86
N LEU B 151 10.23 -3.71 17.63
CA LEU B 151 10.55 -4.78 16.70
C LEU B 151 10.41 -6.17 17.31
N VAL B 152 10.17 -6.25 18.62
CA VAL B 152 9.94 -7.52 19.31
C VAL B 152 8.70 -7.37 20.19
N PRO B 153 8.09 -8.49 20.56
CA PRO B 153 6.93 -8.42 21.48
C PRO B 153 7.32 -7.81 22.82
N GLN B 154 6.44 -6.96 23.36
CA GLN B 154 6.62 -6.39 24.68
C GLN B 154 5.31 -6.46 25.46
N LYS B 155 5.39 -6.79 26.74
CA LYS B 155 4.20 -6.85 27.57
C LYS B 155 3.60 -5.47 27.81
N ILE B 156 2.27 -5.39 27.69
CA ILE B 156 1.53 -4.20 28.11
C ILE B 156 1.42 -4.22 29.63
N GLN B 157 2.25 -3.43 30.31
N GLN B 157 2.25 -3.41 30.31
CA GLN B 157 2.26 -3.38 31.77
CA GLN B 157 2.26 -3.38 31.77
C GLN B 157 0.97 -2.82 32.34
C GLN B 157 0.94 -2.86 32.34
N ALA B 158 0.24 -2.02 31.58
CA ALA B 158 -0.98 -1.39 32.06
C ALA B 158 -2.09 -2.39 32.34
N PHE B 159 -1.97 -3.62 31.87
CA PHE B 159 -2.98 -4.64 32.08
C PHE B 159 -2.67 -5.55 33.26
N GLU B 160 -1.57 -5.31 33.98
CA GLU B 160 -1.23 -6.15 35.12
C GLU B 160 -2.34 -6.13 36.15
N GLY B 161 -2.79 -7.31 36.56
CA GLY B 161 -3.94 -7.43 37.43
C GLY B 161 -5.27 -7.39 36.73
N ILE B 162 -5.29 -7.31 35.40
CA ILE B 162 -6.49 -7.21 34.60
C ILE B 162 -6.45 -8.32 33.56
N ARG B 163 -7.27 -9.35 33.74
CA ARG B 163 -7.27 -10.49 32.82
C ARG B 163 -8.01 -10.12 31.55
N ILE B 164 -7.32 -10.21 30.43
CA ILE B 164 -7.85 -9.81 29.13
C ILE B 164 -8.50 -11.03 28.49
N LYS B 165 -9.74 -10.87 28.04
CA LYS B 165 -10.39 -11.94 27.30
C LYS B 165 -9.94 -11.95 25.84
N MET B 166 -10.01 -10.80 25.18
CA MET B 166 -9.58 -10.79 23.79
C MET B 166 -9.28 -9.36 23.36
N VAL B 167 -8.60 -9.26 22.22
CA VAL B 167 -8.21 -7.97 21.66
C VAL B 167 -8.55 -7.98 20.18
N ALA B 168 -8.58 -6.78 19.61
CA ALA B 168 -8.73 -6.57 18.19
C ALA B 168 -7.89 -5.38 17.80
N ALA B 169 -7.49 -5.32 16.54
CA ALA B 169 -6.57 -4.29 16.06
C ALA B 169 -7.08 -3.78 14.73
N GLY B 170 -7.12 -2.47 14.59
CA GLY B 170 -7.45 -1.82 13.33
C GLY B 170 -6.22 -1.33 12.60
N ALA B 171 -6.39 -0.27 11.83
CA ALA B 171 -5.26 0.28 11.08
C ALA B 171 -4.22 0.85 12.03
N GLU B 172 -4.64 1.74 12.95
CA GLU B 172 -3.69 2.34 13.88
C GLU B 172 -4.24 2.41 15.30
N HIS B 173 -5.20 1.56 15.65
CA HIS B 173 -5.73 1.53 16.99
C HIS B 173 -6.00 0.09 17.39
N THR B 174 -6.27 -0.09 18.68
CA THR B 174 -6.45 -1.40 19.30
C THR B 174 -7.59 -1.28 20.31
N ALA B 175 -8.33 -2.37 20.46
CA ALA B 175 -9.38 -2.44 21.47
C ALA B 175 -9.30 -3.79 22.16
N ALA B 176 -9.90 -3.86 23.34
CA ALA B 176 -9.84 -5.10 24.11
C ALA B 176 -11.08 -5.23 24.97
N VAL B 177 -11.40 -6.48 25.34
CA VAL B 177 -12.39 -6.74 26.37
C VAL B 177 -11.79 -7.67 27.41
N THR B 178 -12.08 -7.38 28.68
CA THR B 178 -11.60 -8.16 29.80
C THR B 178 -12.56 -9.31 30.09
N GLU B 179 -12.08 -10.29 30.86
CA GLU B 179 -12.95 -11.37 31.29
C GLU B 179 -14.09 -10.85 32.15
N ASP B 180 -13.88 -9.71 32.84
CA ASP B 180 -14.93 -9.09 33.65
C ASP B 180 -15.95 -8.32 32.82
N GLY B 181 -15.70 -8.10 31.52
CA GLY B 181 -16.63 -7.41 30.66
C GLY B 181 -16.34 -5.94 30.41
N ASP B 182 -15.21 -5.44 30.89
CA ASP B 182 -14.82 -4.05 30.64
C ASP B 182 -14.27 -3.90 29.23
N LEU B 183 -14.49 -2.73 28.63
CA LEU B 183 -14.08 -2.43 27.28
C LEU B 183 -12.96 -1.39 27.31
N TYR B 184 -11.94 -1.59 26.47
CA TYR B 184 -10.77 -0.71 26.41
C TYR B 184 -10.44 -0.33 24.99
N GLY B 185 -9.84 0.84 24.83
CA GLY B 185 -9.38 1.30 23.53
C GLY B 185 -8.11 2.11 23.69
N TRP B 186 -7.25 2.03 22.67
CA TRP B 186 -6.05 2.87 22.64
C TRP B 186 -5.52 2.95 21.22
N GLY B 187 -4.54 3.84 21.03
CA GLY B 187 -4.03 4.12 19.71
C GLY B 187 -4.67 5.32 19.05
N TRP B 188 -4.76 5.31 17.72
CA TRP B 188 -5.26 6.46 16.97
C TRP B 188 -6.73 6.72 17.27
N GLY B 189 -7.04 7.91 17.80
CA GLY B 189 -8.42 8.18 18.18
C GLY B 189 -9.09 9.36 17.50
N ARG B 190 -8.51 9.84 16.39
CA ARG B 190 -8.97 11.09 15.80
C ARG B 190 -10.44 11.02 15.40
N TYR B 191 -10.89 9.90 14.84
CA TYR B 191 -12.25 9.79 14.36
C TYR B 191 -13.18 9.06 15.33
N GLY B 192 -12.87 9.10 16.62
CA GLY B 192 -13.77 8.62 17.66
C GLY B 192 -13.77 7.12 17.90
N ASN B 193 -12.97 6.38 17.14
CA ASN B 193 -13.02 4.91 17.15
C ASN B 193 -12.45 4.30 18.43
N LEU B 194 -11.97 5.08 19.39
CA LEU B 194 -11.59 4.50 20.67
C LEU B 194 -12.78 4.35 21.62
N GLY B 195 -13.85 5.11 21.40
CA GLY B 195 -15.01 5.05 22.26
C GLY B 195 -14.90 5.85 23.54
N LEU B 196 -13.93 6.76 23.64
CA LEU B 196 -13.66 7.48 24.86
C LEU B 196 -14.31 8.86 24.93
N GLY B 197 -14.92 9.34 23.84
CA GLY B 197 -15.61 10.61 23.87
C GLY B 197 -14.81 11.81 23.40
N ASP B 198 -13.55 11.62 23.00
CA ASP B 198 -12.73 12.73 22.52
C ASP B 198 -11.95 12.27 21.28
N ARG B 199 -11.21 13.20 20.70
CA ARG B 199 -10.43 12.95 19.50
C ARG B 199 -8.96 12.69 19.77
N THR B 200 -8.59 12.48 21.03
CA THR B 200 -7.19 12.38 21.43
C THR B 200 -6.73 10.93 21.39
N ASP B 201 -5.51 10.71 20.90
CA ASP B 201 -4.93 9.39 20.95
C ASP B 201 -4.64 9.00 22.41
N ARG B 202 -4.38 7.71 22.62
CA ARG B 202 -4.02 7.17 23.93
C ARG B 202 -2.82 6.25 23.76
N LEU B 203 -1.78 6.48 24.56
CA LEU B 203 -0.58 5.66 24.47
C LEU B 203 -0.69 4.41 25.33
N VAL B 204 -1.69 4.33 26.20
CA VAL B 204 -1.94 3.16 27.05
C VAL B 204 -3.42 2.82 26.96
N PRO B 205 -3.80 1.58 27.27
CA PRO B 205 -5.23 1.23 27.28
C PRO B 205 -6.02 2.17 28.19
N GLU B 206 -7.20 2.56 27.72
CA GLU B 206 -8.10 3.42 28.48
C GLU B 206 -9.48 2.81 28.47
N ARG B 207 -10.08 2.70 29.66
CA ARG B 207 -11.39 2.06 29.78
C ARG B 207 -12.48 2.94 29.19
N VAL B 208 -13.36 2.32 28.40
CA VAL B 208 -14.54 3.00 27.89
C VAL B 208 -15.54 3.09 29.04
N THR B 209 -15.74 4.29 29.58
CA THR B 209 -16.59 4.49 30.75
C THR B 209 -18.06 4.57 30.41
N SER B 210 -18.43 4.72 29.14
CA SER B 210 -19.82 4.88 28.73
C SER B 210 -20.18 3.73 27.79
N THR B 211 -20.53 2.58 28.38
CA THR B 211 -20.87 1.39 27.62
C THR B 211 -22.35 1.06 27.68
N GLY B 212 -23.19 2.02 28.05
CA GLY B 212 -24.58 1.73 28.24
C GLY B 212 -24.88 0.85 29.42
N GLY B 213 -23.92 0.70 30.34
CA GLY B 213 -24.14 -0.10 31.52
C GLY B 213 -24.04 -1.59 31.30
N GLU B 214 -23.61 -2.03 30.12
CA GLU B 214 -23.51 -3.44 29.78
C GLU B 214 -22.06 -3.88 29.76
N LYS B 215 -21.85 -5.17 30.00
CA LYS B 215 -20.54 -5.78 29.87
C LYS B 215 -20.36 -6.27 28.44
N MET B 216 -19.16 -6.06 27.90
CA MET B 216 -18.85 -6.38 26.51
C MET B 216 -18.15 -7.72 26.42
N SER B 217 -18.60 -8.56 25.49
CA SER B 217 -18.03 -9.88 25.29
C SER B 217 -17.02 -9.93 24.16
N MET B 218 -17.24 -9.17 23.09
CA MET B 218 -16.34 -9.24 21.93
C MET B 218 -16.12 -7.86 21.34
N VAL B 219 -15.04 -7.72 20.57
CA VAL B 219 -14.70 -6.46 19.91
C VAL B 219 -13.98 -6.76 18.59
N ALA B 220 -14.07 -5.83 17.65
CA ALA B 220 -13.44 -5.94 16.35
C ALA B 220 -13.20 -4.53 15.80
N CYS B 221 -12.21 -4.39 14.92
CA CYS B 221 -11.78 -3.06 14.50
C CYS B 221 -11.60 -2.97 12.99
N GLY B 222 -11.76 -1.75 12.48
CA GLY B 222 -11.49 -1.40 11.10
C GLY B 222 -10.52 -0.22 11.03
N TRP B 223 -10.51 0.49 9.89
CA TRP B 223 -9.60 1.62 9.74
C TRP B 223 -9.98 2.77 10.67
N ARG B 224 -11.27 3.07 10.78
CA ARG B 224 -11.74 4.21 11.56
C ARG B 224 -12.98 3.87 12.36
N HIS B 225 -13.25 2.57 12.60
CA HIS B 225 -14.39 2.22 13.43
C HIS B 225 -14.08 0.97 14.24
N THR B 226 -14.95 0.73 15.22
CA THR B 226 -14.83 -0.35 16.17
C THR B 226 -16.23 -0.89 16.43
N ILE B 227 -16.32 -2.21 16.61
CA ILE B 227 -17.57 -2.90 16.89
C ILE B 227 -17.39 -3.70 18.18
N SER B 228 -18.41 -3.67 19.04
CA SER B 228 -18.40 -4.42 20.28
C SER B 228 -19.74 -5.13 20.43
N VAL B 229 -19.72 -6.26 21.14
CA VAL B 229 -20.93 -7.02 21.41
C VAL B 229 -20.98 -7.30 22.90
N SER B 230 -22.15 -7.06 23.49
CA SER B 230 -22.46 -7.15 24.91
C SER B 230 -22.89 -8.57 25.31
N TYR B 231 -22.85 -8.82 26.62
CA TYR B 231 -23.33 -10.09 27.17
C TYR B 231 -24.78 -10.35 26.79
N SER B 232 -25.56 -9.29 26.63
CA SER B 232 -26.91 -9.40 26.13
C SER B 232 -27.00 -9.76 24.65
N GLY B 233 -25.89 -9.69 23.90
CA GLY B 233 -25.95 -9.88 22.48
C GLY B 233 -26.27 -8.63 21.71
N ALA B 234 -26.27 -7.47 22.36
CA ALA B 234 -26.48 -6.21 21.66
C ALA B 234 -25.19 -5.78 20.99
N LEU B 235 -25.33 -5.18 19.81
CA LEU B 235 -24.19 -4.80 18.98
C LEU B 235 -24.04 -3.28 19.00
N TYR B 236 -22.81 -2.82 19.21
CA TYR B 236 -22.48 -1.40 19.28
C TYR B 236 -21.38 -1.10 18.30
N THR B 237 -21.47 0.03 17.63
CA THR B 237 -20.42 0.49 16.74
C THR B 237 -20.05 1.92 17.10
N TYR B 238 -18.80 2.29 16.79
CA TYR B 238 -18.39 3.67 17.04
C TYR B 238 -17.21 4.02 16.16
N GLY B 239 -17.08 5.33 15.91
CA GLY B 239 -16.02 5.87 15.07
C GLY B 239 -16.57 6.64 13.90
N TRP B 240 -15.96 6.52 12.75
CA TRP B 240 -16.37 7.26 11.55
C TRP B 240 -17.38 6.42 10.78
N SER B 241 -18.30 7.05 10.08
CA SER B 241 -19.28 6.33 9.27
C SER B 241 -19.50 7.00 7.91
N LYS B 242 -18.44 7.52 7.29
CA LYS B 242 -18.55 8.15 5.95
C LYS B 242 -19.03 7.12 4.94
N TYR B 243 -18.68 5.85 5.15
CA TYR B 243 -19.12 4.79 4.26
C TYR B 243 -20.26 3.97 4.86
N GLY B 244 -20.86 4.44 5.96
CA GLY B 244 -21.92 3.72 6.62
C GLY B 244 -21.49 2.54 7.46
N GLN B 245 -20.19 2.44 7.78
CA GLN B 245 -19.69 1.26 8.47
C GLN B 245 -20.22 1.14 9.90
N LEU B 246 -20.71 2.24 10.49
CA LEU B 246 -21.31 2.13 11.82
C LEU B 246 -22.70 1.52 11.77
N GLY B 247 -23.40 1.63 10.64
CA GLY B 247 -24.63 0.89 10.43
C GLY B 247 -25.88 1.43 11.09
N HIS B 248 -25.89 2.68 11.55
CA HIS B 248 -27.00 3.24 12.31
C HIS B 248 -28.03 3.96 11.43
N GLY B 249 -27.91 3.88 10.11
CA GLY B 249 -28.81 4.54 9.21
C GLY B 249 -28.41 5.94 8.79
N ASP B 250 -27.40 6.52 9.43
CA ASP B 250 -26.87 7.82 9.08
C ASP B 250 -25.37 7.70 8.84
N LEU B 251 -24.77 8.77 8.37
CA LEU B 251 -23.32 8.84 8.22
C LEU B 251 -22.67 9.63 9.36
N GLU B 252 -23.33 9.71 10.51
CA GLU B 252 -22.83 10.55 11.60
C GLU B 252 -21.71 9.86 12.36
N ASP B 253 -20.78 10.67 12.85
CA ASP B 253 -19.75 10.20 13.77
C ASP B 253 -20.38 9.69 15.06
N HIS B 254 -19.62 8.87 15.79
CA HIS B 254 -20.00 8.48 17.14
C HIS B 254 -18.73 8.32 17.97
N LEU B 255 -18.58 9.15 19.00
CA LEU B 255 -17.36 9.15 19.81
C LEU B 255 -17.44 8.17 20.98
N ILE B 256 -18.60 7.60 21.23
CA ILE B 256 -18.79 6.58 22.26
C ILE B 256 -19.58 5.43 21.64
N PRO B 257 -19.52 4.24 22.24
CA PRO B 257 -20.30 3.11 21.71
C PRO B 257 -21.77 3.47 21.56
N HIS B 258 -22.32 3.18 20.38
CA HIS B 258 -23.71 3.47 20.06
C HIS B 258 -24.39 2.17 19.63
N LYS B 259 -25.47 1.81 20.34
CA LYS B 259 -26.15 0.54 20.08
C LYS B 259 -26.84 0.58 18.72
N LEU B 260 -26.74 -0.54 17.99
CA LEU B 260 -27.33 -0.64 16.67
C LEU B 260 -28.75 -1.18 16.84
N GLU B 261 -29.74 -0.27 16.85
CA GLU B 261 -31.10 -0.65 17.19
C GLU B 261 -31.71 -1.63 16.20
N ALA B 262 -31.36 -1.56 14.91
CA ALA B 262 -31.98 -2.44 13.92
C ALA B 262 -31.66 -3.91 14.17
N LEU B 263 -30.64 -4.21 14.98
CA LEU B 263 -30.30 -5.59 15.31
C LEU B 263 -30.71 -5.99 16.73
N SER B 264 -31.44 -5.13 17.43
CA SER B 264 -31.92 -5.56 18.74
C SER B 264 -32.80 -6.80 18.65
N ASN B 265 -33.42 -7.08 17.51
CA ASN B 265 -34.15 -8.32 17.30
C ASN B 265 -33.28 -9.55 17.50
N SER B 266 -31.98 -9.45 17.26
CA SER B 266 -31.12 -10.61 17.14
C SER B 266 -30.07 -10.63 18.24
N PHE B 267 -29.54 -11.83 18.50
CA PHE B 267 -28.40 -12.03 19.39
C PHE B 267 -27.14 -12.21 18.54
N ILE B 268 -26.21 -11.27 18.65
CA ILE B 268 -24.97 -11.32 17.86
C ILE B 268 -23.99 -12.29 18.50
N SER B 269 -23.57 -13.29 17.74
CA SER B 269 -22.58 -14.24 18.25
C SER B 269 -21.16 -13.97 17.75
N GLN B 270 -20.99 -13.36 16.57
CA GLN B 270 -19.64 -13.01 16.14
C GLN B 270 -19.66 -11.72 15.32
N ILE B 271 -18.50 -11.07 15.27
CA ILE B 271 -18.36 -9.83 14.52
C ILE B 271 -17.02 -9.85 13.79
N SER B 272 -16.94 -9.10 12.70
CA SER B 272 -15.67 -8.89 12.02
C SER B 272 -15.69 -7.50 11.40
N GLY B 273 -14.53 -6.85 11.43
CA GLY B 273 -14.40 -5.52 10.87
C GLY B 273 -13.48 -5.50 9.67
N GLY B 274 -13.97 -4.98 8.56
CA GLY B 274 -13.11 -4.71 7.41
C GLY B 274 -12.52 -3.33 7.55
N ALA B 275 -11.78 -2.93 6.50
CA ALA B 275 -11.25 -1.56 6.49
C ALA B 275 -12.38 -0.55 6.67
N ARG B 276 -13.46 -0.73 5.92
CA ARG B 276 -14.57 0.21 5.95
C ARG B 276 -15.92 -0.48 5.89
N HIS B 277 -16.00 -1.79 6.11
CA HIS B 277 -17.28 -2.48 6.19
C HIS B 277 -17.30 -3.38 7.43
N THR B 278 -18.44 -4.02 7.64
CA THR B 278 -18.72 -4.65 8.92
C THR B 278 -19.59 -5.87 8.71
N MET B 279 -19.31 -6.94 9.48
CA MET B 279 -20.08 -8.17 9.43
C MET B 279 -20.49 -8.60 10.83
N ALA B 280 -21.73 -9.06 10.98
CA ALA B 280 -22.27 -9.54 12.25
C ALA B 280 -23.03 -10.84 12.03
N LEU B 281 -22.69 -11.85 12.83
CA LEU B 281 -23.27 -13.19 12.75
C LEU B 281 -24.15 -13.40 13.98
N THR B 282 -25.43 -13.71 13.74
CA THR B 282 -26.41 -13.96 14.80
C THR B 282 -26.31 -15.39 15.32
N SER B 283 -26.96 -15.63 16.46
CA SER B 283 -27.06 -16.98 17.02
C SER B 283 -27.69 -17.96 16.05
N ASP B 284 -28.54 -17.48 15.15
CA ASP B 284 -29.25 -18.33 14.20
C ASP B 284 -28.41 -18.70 12.99
N GLY B 285 -27.24 -18.09 12.81
CA GLY B 285 -26.49 -18.27 11.59
C GLY B 285 -26.88 -17.33 10.47
N LYS B 286 -27.55 -16.23 10.79
CA LYS B 286 -27.83 -15.18 9.82
C LYS B 286 -26.65 -14.23 9.78
N LEU B 287 -26.15 -13.93 8.58
CA LEU B 287 -25.03 -13.03 8.39
C LEU B 287 -25.55 -11.68 7.90
N TYR B 288 -25.25 -10.61 8.64
CA TYR B 288 -25.59 -9.26 8.24
C TYR B 288 -24.32 -8.47 7.93
N GLY B 289 -24.33 -7.75 6.83
CA GLY B 289 -23.20 -6.91 6.46
C GLY B 289 -23.66 -5.49 6.19
N TRP B 290 -22.71 -4.57 6.34
CA TRP B 290 -22.99 -3.17 6.00
C TRP B 290 -21.68 -2.41 5.82
N GLY B 291 -21.79 -1.19 5.30
CA GLY B 291 -20.63 -0.33 5.11
C GLY B 291 -20.18 -0.19 3.67
N TRP B 292 -18.88 0.01 3.49
CA TRP B 292 -18.30 0.18 2.16
C TRP B 292 -18.63 -1.01 1.27
N ASN B 293 -19.15 -0.72 0.07
CA ASN B 293 -19.58 -1.76 -0.85
C ASN B 293 -19.14 -1.47 -2.28
N LYS B 294 -18.14 -0.60 -2.47
CA LYS B 294 -17.71 -0.26 -3.82
C LYS B 294 -17.27 -1.49 -4.60
N PHE B 295 -16.65 -2.47 -3.94
CA PHE B 295 -16.20 -3.69 -4.60
C PHE B 295 -17.13 -4.86 -4.39
N GLY B 296 -18.30 -4.61 -3.80
CA GLY B 296 -19.23 -5.68 -3.52
C GLY B 296 -18.98 -6.43 -2.24
N GLN B 297 -18.10 -5.91 -1.37
CA GLN B 297 -17.66 -6.67 -0.20
C GLN B 297 -18.73 -6.76 0.89
N VAL B 298 -19.86 -6.07 0.74
CA VAL B 298 -20.96 -6.30 1.67
C VAL B 298 -21.72 -7.57 1.28
N GLY B 299 -21.68 -7.95 0.01
CA GLY B 299 -22.24 -9.22 -0.41
C GLY B 299 -23.73 -9.23 -0.68
N VAL B 300 -24.34 -8.08 -0.96
CA VAL B 300 -25.78 -7.98 -1.09
C VAL B 300 -26.21 -7.69 -2.52
N GLY B 301 -25.34 -7.99 -3.49
CA GLY B 301 -25.72 -8.02 -4.89
C GLY B 301 -25.67 -6.70 -5.62
N ASN B 302 -25.10 -5.66 -5.01
CA ASN B 302 -24.91 -4.38 -5.71
C ASN B 302 -23.57 -3.81 -5.28
N ASN B 303 -23.31 -2.56 -5.67
CA ASN B 303 -22.06 -1.88 -5.34
C ASN B 303 -22.31 -0.53 -4.70
N LEU B 304 -23.47 -0.37 -4.08
CA LEU B 304 -23.79 0.85 -3.34
C LEU B 304 -23.51 0.61 -1.87
N ASP B 305 -22.95 1.62 -1.21
CA ASP B 305 -22.68 1.51 0.20
C ASP B 305 -23.98 1.28 0.98
N GLN B 306 -23.86 0.57 2.09
CA GLN B 306 -24.99 0.22 2.92
C GLN B 306 -24.78 0.81 4.31
N CYS B 307 -25.67 1.70 4.72
N CYS B 307 -25.67 1.70 4.72
CA CYS B 307 -25.57 2.35 6.02
CA CYS B 307 -25.57 2.35 6.02
C CYS B 307 -26.43 1.66 7.08
C CYS B 307 -26.43 1.66 7.08
N SER B 308 -27.08 0.55 6.74
CA SER B 308 -27.86 -0.23 7.69
C SER B 308 -27.68 -1.71 7.40
N PRO B 309 -27.74 -2.56 8.43
CA PRO B 309 -27.47 -3.99 8.23
C PRO B 309 -28.40 -4.62 7.19
N VAL B 310 -27.82 -5.44 6.33
CA VAL B 310 -28.53 -6.17 5.29
C VAL B 310 -28.08 -7.63 5.35
N GLN B 311 -29.02 -8.56 5.41
CA GLN B 311 -28.66 -9.97 5.52
C GLN B 311 -28.00 -10.45 4.24
N VAL B 312 -26.86 -11.13 4.39
CA VAL B 312 -26.18 -11.76 3.27
C VAL B 312 -26.82 -13.12 3.02
N ARG B 313 -27.17 -13.39 1.77
CA ARG B 313 -27.97 -14.58 1.44
C ARG B 313 -27.09 -15.67 0.84
N PHE B 314 -27.36 -16.90 1.23
CA PHE B 314 -26.59 -18.07 0.85
C PHE B 314 -27.51 -19.14 0.30
N PRO B 315 -27.01 -20.02 -0.57
CA PRO B 315 -27.86 -21.06 -1.17
C PRO B 315 -28.59 -21.89 -0.13
N ASP B 316 -29.90 -22.05 -0.34
CA ASP B 316 -30.79 -22.79 0.57
C ASP B 316 -30.81 -22.21 1.97
N ASP B 317 -30.43 -20.94 2.10
CA ASP B 317 -30.39 -20.22 3.38
C ASP B 317 -29.56 -20.96 4.43
N GLN B 318 -28.54 -21.69 3.97
CA GLN B 318 -27.65 -22.38 4.89
C GLN B 318 -27.04 -21.40 5.88
N LYS B 319 -26.97 -21.81 7.15
CA LYS B 319 -26.47 -20.91 8.19
C LYS B 319 -24.96 -20.74 8.06
N VAL B 320 -24.51 -19.53 8.36
CA VAL B 320 -23.09 -19.22 8.41
C VAL B 320 -22.59 -19.48 9.82
N VAL B 321 -21.42 -20.12 9.92
CA VAL B 321 -20.79 -20.38 11.22
C VAL B 321 -19.52 -19.57 11.42
N GLN B 322 -18.96 -18.97 10.37
CA GLN B 322 -17.78 -18.15 10.57
C GLN B 322 -17.70 -17.08 9.48
N VAL B 323 -17.18 -15.89 9.82
CA VAL B 323 -17.01 -14.80 8.87
C VAL B 323 -15.73 -14.02 9.19
N SER B 324 -15.10 -13.49 8.13
CA SER B 324 -13.86 -12.73 8.27
C SER B 324 -13.77 -11.68 7.18
N CYS B 325 -13.66 -10.41 7.55
CA CYS B 325 -13.47 -9.32 6.61
C CYS B 325 -12.00 -8.98 6.39
N GLY B 326 -11.64 -8.75 5.14
CA GLY B 326 -10.41 -8.13 4.76
C GLY B 326 -10.60 -6.66 4.50
N TRP B 327 -9.62 -6.05 3.84
CA TRP B 327 -9.76 -4.63 3.50
C TRP B 327 -10.92 -4.41 2.56
N ARG B 328 -11.02 -5.25 1.52
CA ARG B 328 -11.94 -5.03 0.42
C ARG B 328 -12.68 -6.31 0.02
N HIS B 329 -12.55 -7.38 0.78
CA HIS B 329 -13.26 -8.62 0.51
C HIS B 329 -13.69 -9.25 1.84
N THR B 330 -14.53 -10.28 1.75
CA THR B 330 -15.10 -10.98 2.88
C THR B 330 -15.10 -12.47 2.57
N LEU B 331 -14.85 -13.27 3.61
CA LEU B 331 -14.93 -14.72 3.56
C LEU B 331 -15.93 -15.22 4.60
N ALA B 332 -16.55 -16.36 4.32
CA ALA B 332 -17.47 -16.96 5.27
C ALA B 332 -17.48 -18.47 5.11
N VAL B 333 -17.68 -19.15 6.23
CA VAL B 333 -17.86 -20.60 6.30
C VAL B 333 -19.28 -20.86 6.76
N THR B 334 -19.93 -21.82 6.12
CA THR B 334 -21.31 -22.21 6.40
C THR B 334 -21.36 -23.52 7.19
N GLU B 335 -22.56 -23.84 7.66
CA GLU B 335 -22.78 -25.08 8.41
C GLU B 335 -22.60 -26.32 7.56
N ARG B 336 -22.66 -26.21 6.23
CA ARG B 336 -22.49 -27.35 5.34
C ARG B 336 -21.03 -27.57 4.95
N ASN B 337 -20.09 -26.97 5.69
N ASN B 337 -20.10 -26.93 5.68
CA ASN B 337 -18.67 -26.99 5.36
CA ASN B 337 -18.67 -27.00 5.37
C ASN B 337 -18.44 -26.52 3.91
C ASN B 337 -18.39 -26.48 3.97
N ASN B 338 -19.04 -25.37 3.60
CA ASN B 338 -18.74 -24.64 2.37
C ASN B 338 -18.11 -23.32 2.75
N VAL B 339 -17.21 -22.85 1.89
CA VAL B 339 -16.56 -21.55 2.04
C VAL B 339 -16.99 -20.66 0.88
N PHE B 340 -17.35 -19.42 1.19
CA PHE B 340 -17.77 -18.43 0.23
C PHE B 340 -16.90 -17.19 0.38
N ALA B 341 -16.73 -16.47 -0.72
CA ALA B 341 -15.93 -15.26 -0.74
C ALA B 341 -16.63 -14.24 -1.63
N TRP B 342 -16.44 -12.96 -1.31
CA TRP B 342 -16.98 -11.93 -2.19
C TRP B 342 -16.26 -10.62 -1.95
N GLY B 343 -16.35 -9.72 -2.92
CA GLY B 343 -15.67 -8.44 -2.87
C GLY B 343 -14.60 -8.31 -3.93
N ARG B 344 -13.56 -7.52 -3.68
CA ARG B 344 -12.50 -7.33 -4.66
C ARG B 344 -11.70 -8.62 -4.83
N GLY B 345 -11.41 -8.99 -6.08
CA GLY B 345 -10.70 -10.22 -6.36
C GLY B 345 -9.53 -10.10 -7.30
N THR B 346 -9.01 -8.88 -7.46
CA THR B 346 -8.02 -8.57 -8.48
C THR B 346 -6.79 -9.45 -8.39
N ASN B 347 -6.37 -9.80 -7.17
CA ASN B 347 -5.18 -10.59 -6.95
C ASN B 347 -5.51 -12.06 -6.70
N GLY B 348 -6.75 -12.46 -6.91
CA GLY B 348 -7.19 -13.82 -6.68
C GLY B 348 -7.61 -14.15 -5.28
N GLN B 349 -7.79 -13.14 -4.41
CA GLN B 349 -8.06 -13.38 -2.99
C GLN B 349 -9.44 -13.97 -2.72
N LEU B 350 -10.34 -13.98 -3.70
CA LEU B 350 -11.59 -14.71 -3.51
C LEU B 350 -11.37 -16.22 -3.63
N GLY B 351 -10.24 -16.65 -4.19
CA GLY B 351 -9.91 -18.05 -4.24
C GLY B 351 -10.73 -18.88 -5.20
N ILE B 352 -11.31 -18.26 -6.22
CA ILE B 352 -12.13 -18.96 -7.19
C ILE B 352 -11.48 -18.98 -8.57
N GLY B 353 -10.16 -18.81 -8.61
CA GLY B 353 -9.43 -18.85 -9.87
C GLY B 353 -9.64 -17.65 -10.77
N GLU B 354 -9.90 -16.47 -10.21
CA GLU B 354 -10.26 -15.31 -11.01
C GLU B 354 -9.40 -14.11 -10.63
N SER B 355 -9.63 -13.00 -11.33
CA SER B 355 -9.06 -11.70 -10.99
C SER B 355 -10.13 -10.63 -11.07
N VAL B 356 -11.36 -10.99 -10.68
CA VAL B 356 -12.55 -10.20 -10.90
C VAL B 356 -13.20 -9.93 -9.54
N ASP B 357 -13.94 -8.82 -9.43
CA ASP B 357 -14.74 -8.55 -8.24
C ASP B 357 -16.10 -9.24 -8.32
N ARG B 358 -16.66 -9.57 -7.16
CA ARG B 358 -18.02 -10.10 -7.05
C ARG B 358 -18.78 -9.41 -5.92
N ASN B 359 -20.07 -9.17 -6.12
CA ASN B 359 -20.86 -8.44 -5.14
C ASN B 359 -21.88 -9.29 -4.42
N PHE B 360 -21.91 -10.60 -4.67
CA PHE B 360 -22.68 -11.56 -3.90
C PHE B 360 -21.79 -12.77 -3.63
N PRO B 361 -22.08 -13.55 -2.59
CA PRO B 361 -21.17 -14.63 -2.19
C PRO B 361 -20.94 -15.65 -3.30
N LYS B 362 -19.68 -16.05 -3.46
CA LYS B 362 -19.30 -17.05 -4.45
C LYS B 362 -18.56 -18.19 -3.77
N ILE B 363 -18.96 -19.42 -4.08
CA ILE B 363 -18.44 -20.58 -3.38
C ILE B 363 -17.01 -20.88 -3.82
N ILE B 364 -16.15 -21.20 -2.87
CA ILE B 364 -14.78 -21.61 -3.15
C ILE B 364 -14.79 -23.13 -3.29
N GLU B 365 -14.78 -23.59 -4.55
CA GLU B 365 -14.97 -25.01 -4.82
C GLU B 365 -13.88 -25.88 -4.21
N ALA B 366 -12.64 -25.38 -4.19
CA ALA B 366 -11.51 -26.16 -3.69
C ALA B 366 -11.63 -26.50 -2.21
N LEU B 367 -12.43 -25.75 -1.45
CA LEU B 367 -12.52 -25.96 -0.02
C LEU B 367 -13.89 -26.44 0.44
N SER B 368 -14.87 -26.53 -0.45
CA SER B 368 -16.25 -26.76 -0.05
C SER B 368 -16.75 -28.14 -0.48
N VAL B 369 -17.65 -28.70 0.32
CA VAL B 369 -18.31 -29.95 -0.05
C VAL B 369 -19.13 -29.75 -1.32
N ASP B 370 -19.91 -28.67 -1.38
CA ASP B 370 -20.80 -28.43 -2.51
C ASP B 370 -20.01 -27.94 -3.74
N GLY B 371 -20.68 -27.93 -4.88
CA GLY B 371 -20.07 -27.46 -6.12
C GLY B 371 -20.68 -26.15 -6.60
N GLY B 387 11.75 -22.83 -3.03
CA GLY B 387 11.19 -21.96 -2.00
C GLY B 387 12.28 -21.22 -1.23
N LYS B 388 12.12 -19.90 -1.09
CA LYS B 388 13.13 -19.07 -0.45
C LYS B 388 12.49 -18.12 0.56
N SER B 389 13.22 -17.87 1.66
CA SER B 389 12.79 -16.92 2.67
C SER B 389 12.86 -15.47 2.21
N TRP B 390 13.63 -15.19 1.15
CA TRP B 390 13.82 -13.83 0.68
C TRP B 390 13.73 -13.80 -0.84
N VAL B 391 13.05 -12.78 -1.38
CA VAL B 391 12.94 -12.56 -2.82
C VAL B 391 13.42 -11.15 -3.10
N SER B 392 14.39 -11.02 -4.00
CA SER B 392 15.00 -9.72 -4.21
C SER B 392 13.95 -8.72 -4.69
N PRO B 393 13.92 -7.51 -4.12
CA PRO B 393 12.90 -6.54 -4.51
C PRO B 393 12.86 -6.23 -6.00
N ALA B 394 14.00 -6.35 -6.70
CA ALA B 394 14.03 -6.01 -8.12
C ALA B 394 13.23 -6.99 -8.97
N GLU B 395 12.90 -8.17 -8.43
CA GLU B 395 12.06 -9.14 -9.12
C GLU B 395 10.58 -8.95 -8.86
N ARG B 396 10.21 -8.10 -7.90
CA ARG B 396 8.82 -8.03 -7.47
C ARG B 396 8.32 -6.61 -7.31
N TYR B 397 9.16 -5.60 -7.51
CA TYR B 397 8.76 -4.21 -7.44
C TYR B 397 9.46 -3.45 -8.56
N ALA B 398 8.77 -2.45 -9.13
CA ALA B 398 9.35 -1.62 -10.20
C ALA B 398 9.81 -2.48 -11.38
N VAL B 399 9.03 -3.50 -11.71
CA VAL B 399 9.29 -4.33 -12.87
C VAL B 399 8.48 -3.76 -14.03
N VAL B 400 9.15 -3.41 -15.11
CA VAL B 400 8.43 -2.82 -16.25
C VAL B 400 7.58 -3.89 -16.91
N PRO B 401 6.28 -3.67 -17.10
CA PRO B 401 5.44 -4.63 -17.83
C PRO B 401 6.09 -5.02 -19.15
N ASP B 402 6.17 -6.32 -19.39
CA ASP B 402 6.97 -6.83 -20.50
C ASP B 402 6.04 -7.46 -21.52
N GLU B 403 6.00 -6.82 -22.68
CA GLU B 403 5.53 -7.37 -23.94
C GLU B 403 5.65 -6.17 -24.87
O1 MES C . -8.44 -6.08 7.56
C2 MES C . -9.45 -6.35 8.51
C3 MES C . -8.92 -6.57 9.91
N4 MES C . -7.93 -7.67 9.82
C5 MES C . -6.86 -7.28 8.89
C6 MES C . -7.44 -7.08 7.53
C7 MES C . -7.42 -8.22 11.12
C8 MES C . -7.82 -7.51 12.39
S MES C . -7.96 -8.63 13.75
O1S MES C . -6.81 -9.45 13.75
O2S MES C . -8.05 -7.82 14.92
O3S MES C . -9.13 -9.37 13.47
#